data_6YZF
#
_entry.id   6YZF
#
_cell.length_a   51.400
_cell.length_b   104.240
_cell.length_c   162.060
_cell.angle_alpha   90.000
_cell.angle_beta   90.000
_cell.angle_gamma   90.000
#
_symmetry.space_group_name_H-M   'P 21 21 21'
#
loop_
_entity.id
_entity.type
_entity.pdbx_description
1 polymer 'Copper oxidase'
2 polymer GLU-HIS-SER
3 non-polymer 'COPPER (II) ION'
4 non-polymer 'SULFATE ION'
5 water water
#
loop_
_entity_poly.entity_id
_entity_poly.type
_entity_poly.pdbx_seq_one_letter_code
_entity_poly.pdbx_strand_id
1 'polypeptide(L)'
;MHHHHHHGFNRRVLLGGAAVATSLSLAPEARSDAGPAQAAPGGEVRRIKLYAERLADGQMGYGLEKGRATIPGPLIELNE
GDTLHIEFENTMDVRASLHVHGLDYEVSSDGTTLNKSDVEPGGTRTYTWRTHAPGRRSDGTWRAGSAGYWHYHDHVVGTE
HGTGGIRKGLYGPVIVRRKGDVLPDATHTIVFNDMLINNRPAHSGPNFEATVGDRVEFVMITHGEYYHTFHMHGHRWADN
RTGMLTGPDDPSQVVDNKIVGPADSFGFQVIAGEGVGAGAWMYHCHVQSHSDMGYVGLFLVKKTDGTIPGYEPHEHSGQR
AEHHH
;
AAA,BBB,CCC
2 'polypeptide(L)' EHS FFF
#
# COMPACT_ATOMS: atom_id res chain seq x y z
N GLY A 43 -21.56 20.59 15.18
CA GLY A 43 -22.10 19.43 14.42
C GLY A 43 -23.59 19.59 14.14
N GLU A 44 -23.99 19.44 12.88
CA GLU A 44 -25.40 19.55 12.42
C GLU A 44 -25.97 18.15 12.22
N VAL A 45 -27.27 18.00 12.43
CA VAL A 45 -28.06 16.80 12.06
C VAL A 45 -28.59 17.09 10.67
N ARG A 46 -28.23 16.26 9.70
CA ARG A 46 -28.67 16.45 8.31
C ARG A 46 -29.52 15.25 7.91
N ARG A 47 -30.43 15.46 6.98
CA ARG A 47 -31.39 14.43 6.53
C ARG A 47 -31.42 14.49 4.99
N ILE A 48 -31.20 13.36 4.32
CA ILE A 48 -31.34 13.26 2.85
C ILE A 48 -32.16 12.01 2.52
N LYS A 49 -32.72 12.00 1.33
CA LYS A 49 -33.32 10.80 0.71
C LYS A 49 -32.31 10.18 -0.26
N LEU A 50 -32.26 8.86 -0.35
CA LEU A 50 -31.43 8.17 -1.35
C LEU A 50 -32.25 7.03 -1.90
N TYR A 51 -32.09 6.71 -3.17
CA TYR A 51 -32.86 5.63 -3.83
C TYR A 51 -31.87 4.74 -4.52
N ALA A 52 -32.08 3.42 -4.48
CA ALA A 52 -31.39 2.46 -5.35
C ALA A 52 -32.35 2.12 -6.48
N GLU A 53 -31.89 2.20 -7.73
CA GLU A 53 -32.74 1.92 -8.92
C GLU A 53 -31.93 1.16 -9.96
N ARG A 54 -32.60 0.24 -10.64
CA ARG A 54 -32.10 -0.29 -11.93
C ARG A 54 -31.96 0.86 -12.94
N LEU A 55 -30.85 0.86 -13.68
CA LEU A 55 -30.53 1.78 -14.78
C LEU A 55 -30.46 0.94 -16.07
N ALA A 56 -30.37 1.61 -17.20
CA ALA A 56 -30.17 0.99 -18.52
C ALA A 56 -28.92 0.11 -18.52
N ASP A 57 -28.91 -0.88 -19.42
CA ASP A 57 -27.69 -1.62 -19.82
C ASP A 57 -27.27 -2.50 -18.63
N GLY A 58 -28.24 -2.90 -17.80
CA GLY A 58 -28.08 -3.89 -16.72
C GLY A 58 -27.37 -3.27 -15.52
N GLN A 59 -27.46 -1.96 -15.36
CA GLN A 59 -26.76 -1.24 -14.28
C GLN A 59 -27.73 -0.98 -13.12
N MET A 60 -27.16 -0.44 -12.03
CA MET A 60 -27.88 -0.11 -10.79
C MET A 60 -27.16 1.11 -10.22
N GLY A 61 -27.92 2.03 -9.66
CA GLY A 61 -27.29 3.23 -9.11
C GLY A 61 -28.11 3.82 -8.00
N TYR A 62 -27.41 4.62 -7.19
CA TYR A 62 -27.99 5.47 -6.14
C TYR A 62 -28.26 6.87 -6.73
N GLY A 63 -29.38 7.45 -6.32
CA GLY A 63 -29.83 8.81 -6.69
C GLY A 63 -30.41 9.56 -5.51
N LEU A 64 -30.31 10.91 -5.50
CA LEU A 64 -30.98 11.79 -4.52
C LEU A 64 -32.49 11.88 -4.82
N GLU A 65 -32.90 11.51 -6.04
CA GLU A 65 -34.33 11.50 -6.47
C GLU A 65 -34.55 10.33 -7.41
N LYS A 66 -35.77 9.81 -7.41
CA LYS A 66 -36.18 8.73 -8.33
C LYS A 66 -35.98 9.23 -9.76
N GLY A 67 -35.50 8.33 -10.60
CA GLY A 67 -35.05 8.57 -11.99
C GLY A 67 -33.82 9.45 -12.10
N ARG A 68 -33.11 9.75 -11.01
CA ARG A 68 -31.86 10.57 -11.10
C ARG A 68 -30.63 9.80 -10.55
N ALA A 69 -30.62 8.46 -10.55
CA ALA A 69 -29.46 7.69 -10.08
C ALA A 69 -28.29 7.91 -11.02
N THR A 70 -27.09 7.95 -10.46
CA THR A 70 -25.85 8.13 -11.24
C THR A 70 -24.86 7.07 -10.74
N ILE A 71 -23.85 6.80 -11.55
CA ILE A 71 -22.72 5.92 -11.17
C ILE A 71 -21.45 6.70 -11.49
N PRO A 72 -20.60 7.04 -10.51
CA PRO A 72 -20.87 6.79 -9.08
C PRO A 72 -22.11 7.52 -8.56
N GLY A 73 -22.55 7.11 -7.38
CA GLY A 73 -23.63 7.81 -6.68
C GLY A 73 -23.22 9.22 -6.25
N PRO A 74 -24.21 9.93 -5.67
CA PRO A 74 -24.02 11.32 -5.27
C PRO A 74 -22.93 11.43 -4.20
N LEU A 75 -22.12 12.48 -4.28
CA LEU A 75 -21.14 12.79 -3.24
C LEU A 75 -21.88 13.23 -1.96
N ILE A 76 -21.53 12.60 -0.85
CA ILE A 76 -22.03 12.98 0.50
C ILE A 76 -20.85 13.60 1.23
N GLU A 77 -21.02 14.84 1.70
CA GLU A 77 -19.96 15.64 2.38
C GLU A 77 -20.47 15.99 3.78
N LEU A 78 -19.71 15.65 4.82
CA LEU A 78 -20.02 15.92 6.24
C LEU A 78 -18.79 16.61 6.85
N ASN A 79 -19.02 17.38 7.91
CA ASN A 79 -17.97 17.85 8.82
C ASN A 79 -17.95 16.93 10.04
N GLU A 80 -16.78 16.67 10.60
CA GLU A 80 -16.67 15.87 11.83
C GLU A 80 -17.64 16.44 12.87
N GLY A 81 -18.49 15.57 13.42
CA GLY A 81 -19.48 15.83 14.46
C GLY A 81 -20.89 15.79 13.87
N ASP A 82 -21.01 15.93 12.55
CA ASP A 82 -22.32 15.89 11.84
C ASP A 82 -22.89 14.48 11.95
N THR A 83 -24.22 14.41 12.07
CA THR A 83 -25.03 13.16 11.96
C THR A 83 -25.79 13.22 10.65
N LEU A 84 -25.82 12.12 9.89
CA LEU A 84 -26.63 12.06 8.64
C LEU A 84 -27.64 10.94 8.74
N HIS A 85 -28.92 11.30 8.57
CA HIS A 85 -30.01 10.31 8.45
C HIS A 85 -30.32 10.17 6.96
N ILE A 86 -30.13 8.97 6.42
CA ILE A 86 -30.43 8.67 5.01
C ILE A 86 -31.73 7.86 4.98
N GLU A 87 -32.78 8.49 4.48
CA GLU A 87 -34.07 7.80 4.21
C GLU A 87 -33.89 7.07 2.86
N PHE A 88 -33.55 5.79 2.90
CA PHE A 88 -33.14 5.00 1.73
C PHE A 88 -34.36 4.24 1.22
N GLU A 89 -34.64 4.28 -0.07
CA GLU A 89 -35.73 3.50 -0.65
C GLU A 89 -35.14 2.57 -1.69
N ASN A 90 -35.35 1.26 -1.48
CA ASN A 90 -34.93 0.26 -2.48
C ASN A 90 -36.04 0.13 -3.51
N THR A 91 -35.91 0.79 -4.65
CA THR A 91 -36.95 0.69 -5.72
C THR A 91 -36.80 -0.58 -6.56
N MET A 92 -35.84 -1.44 -6.25
CA MET A 92 -35.53 -2.61 -7.12
C MET A 92 -36.32 -3.84 -6.65
N ASP A 93 -36.23 -4.90 -7.45
CA ASP A 93 -36.92 -6.20 -7.26
C ASP A 93 -35.98 -7.17 -6.51
N VAL A 94 -34.79 -6.71 -6.12
CA VAL A 94 -33.83 -7.55 -5.34
C VAL A 94 -33.51 -6.76 -4.07
N ARG A 95 -33.11 -7.50 -3.05
CA ARG A 95 -32.69 -6.86 -1.77
C ARG A 95 -31.44 -6.04 -2.08
N ALA A 96 -31.30 -4.91 -1.38
CA ALA A 96 -30.14 -4.00 -1.54
C ALA A 96 -29.89 -3.30 -0.22
N SER A 97 -28.74 -2.70 -0.08
CA SER A 97 -28.40 -2.04 1.18
C SER A 97 -27.54 -0.81 0.91
N LEU A 98 -27.27 -0.08 1.98
CA LEU A 98 -26.31 1.02 2.04
C LEU A 98 -25.36 0.69 3.18
N HIS A 99 -24.08 0.55 2.84
CA HIS A 99 -22.99 0.32 3.82
C HIS A 99 -21.92 1.38 3.61
N VAL A 100 -21.33 1.88 4.68
CA VAL A 100 -20.35 2.97 4.57
C VAL A 100 -19.05 2.53 5.23
N HIS A 101 -17.92 2.97 4.64
CA HIS A 101 -16.56 2.87 5.23
C HIS A 101 -16.28 4.08 6.13
N GLY A 102 -15.51 3.88 7.19
CA GLY A 102 -14.87 4.98 7.96
C GLY A 102 -15.75 5.60 9.04
N LEU A 103 -17.04 5.80 8.74
CA LEU A 103 -17.99 6.60 9.55
C LEU A 103 -18.53 5.78 10.73
N ASP A 104 -19.07 6.46 11.73
CA ASP A 104 -19.70 5.81 12.90
C ASP A 104 -21.10 5.35 12.52
N TYR A 105 -21.37 4.06 12.63
CA TYR A 105 -22.73 3.50 12.48
C TYR A 105 -22.88 2.34 13.44
N GLU A 106 -24.11 2.08 13.91
CA GLU A 106 -24.47 0.91 14.73
C GLU A 106 -24.78 -0.26 13.79
N VAL A 107 -24.82 -1.47 14.34
CA VAL A 107 -25.07 -2.67 13.47
C VAL A 107 -26.40 -2.53 12.73
N SER A 108 -27.35 -1.82 13.32
CA SER A 108 -28.67 -1.52 12.70
C SER A 108 -28.49 -0.70 11.40
N SER A 109 -27.30 -0.11 11.16
CA SER A 109 -26.97 0.60 9.89
C SER A 109 -25.77 -0.06 9.19
N ASP A 110 -25.42 -1.32 9.52
CA ASP A 110 -24.34 -2.07 8.84
C ASP A 110 -24.67 -2.30 7.34
N GLY A 111 -25.93 -2.45 6.99
CA GLY A 111 -26.38 -2.81 5.62
C GLY A 111 -26.11 -4.26 5.23
N THR A 112 -25.94 -5.15 6.19
CA THR A 112 -25.54 -6.56 5.98
C THR A 112 -26.71 -7.50 6.23
N THR A 113 -26.67 -8.66 5.59
CA THR A 113 -27.45 -9.86 5.93
C THR A 113 -27.21 -10.25 7.41
N LEU A 114 -25.94 -10.31 7.81
CA LEU A 114 -25.54 -10.73 9.17
C LEU A 114 -26.34 -9.94 10.19
N ASN A 115 -26.44 -8.62 10.02
CA ASN A 115 -27.12 -7.74 11.01
C ASN A 115 -28.53 -7.37 10.52
N LYS A 116 -29.09 -8.12 9.57
CA LYS A 116 -30.49 -7.93 9.12
C LYS A 116 -30.77 -6.44 8.81
N SER A 117 -29.83 -5.71 8.26
CA SER A 117 -30.05 -4.25 8.09
C SER A 117 -29.87 -3.87 6.63
N ASP A 118 -30.15 -4.80 5.71
CA ASP A 118 -30.39 -4.53 4.27
C ASP A 118 -31.90 -4.24 4.06
N VAL A 119 -32.33 -4.08 2.80
CA VAL A 119 -33.69 -3.58 2.52
C VAL A 119 -34.36 -4.46 1.47
N GLU A 120 -35.58 -4.88 1.80
CA GLU A 120 -36.38 -5.74 0.89
C GLU A 120 -36.71 -4.94 -0.36
N PRO A 121 -37.05 -5.63 -1.46
CA PRO A 121 -37.52 -4.96 -2.67
C PRO A 121 -38.68 -4.02 -2.34
N GLY A 122 -38.60 -2.78 -2.80
CA GLY A 122 -39.61 -1.73 -2.60
C GLY A 122 -39.65 -1.20 -1.17
N GLY A 123 -38.75 -1.64 -0.30
CA GLY A 123 -38.76 -1.22 1.11
C GLY A 123 -38.09 0.13 1.32
N THR A 124 -38.29 0.71 2.50
CA THR A 124 -37.58 1.91 2.96
C THR A 124 -36.92 1.58 4.29
N ARG A 125 -35.76 2.18 4.52
CA ARG A 125 -35.09 2.11 5.81
C ARG A 125 -34.31 3.39 6.02
N THR A 126 -34.32 3.92 7.23
CA THR A 126 -33.48 5.05 7.65
C THR A 126 -32.13 4.53 8.18
N TYR A 127 -31.04 4.86 7.48
CA TYR A 127 -29.65 4.59 7.90
C TYR A 127 -29.16 5.84 8.63
N THR A 128 -28.33 5.66 9.63
CA THR A 128 -27.77 6.82 10.37
C THR A 128 -26.28 6.67 10.33
N TRP A 129 -25.60 7.72 9.84
CA TRP A 129 -24.14 7.78 9.89
C TRP A 129 -23.80 8.91 10.86
N ARG A 130 -22.96 8.59 11.82
CA ARG A 130 -22.39 9.64 12.73
C ARG A 130 -20.93 9.87 12.36
N THR A 131 -20.37 10.98 12.85
CA THR A 131 -18.95 11.33 12.71
C THR A 131 -18.54 12.03 14.02
N HIS A 132 -17.25 12.02 14.31
CA HIS A 132 -16.70 12.55 15.58
C HIS A 132 -15.38 13.25 15.22
N ALA A 133 -15.05 14.27 15.99
CA ALA A 133 -13.74 14.94 15.91
C ALA A 133 -12.74 14.07 16.69
N PRO A 134 -11.44 14.21 16.44
CA PRO A 134 -10.44 13.51 17.23
C PRO A 134 -10.44 14.14 18.62
N GLY A 135 -9.87 13.43 19.56
CA GLY A 135 -9.73 14.01 20.92
C GLY A 135 -8.94 13.10 21.80
N ARG A 136 -8.50 13.61 22.94
CA ARG A 136 -7.68 12.81 23.88
C ARG A 136 -8.59 11.88 24.70
N ARG A 137 -8.29 10.58 24.74
CA ARG A 137 -9.08 9.59 25.54
C ARG A 137 -8.55 9.60 26.99
N SER A 138 -9.32 9.01 27.90
CA SER A 138 -9.00 8.95 29.34
C SER A 138 -7.89 7.95 29.59
N ASP A 139 -7.51 7.17 28.57
CA ASP A 139 -6.29 6.32 28.64
C ASP A 139 -5.08 7.04 28.04
N GLY A 140 -5.18 8.33 27.72
CA GLY A 140 -4.07 9.19 27.27
C GLY A 140 -3.81 9.05 25.78
N THR A 141 -4.56 8.21 25.08
CA THR A 141 -4.31 8.00 23.63
C THR A 141 -5.07 9.09 22.85
N TRP A 142 -4.88 9.13 21.56
CA TRP A 142 -5.54 10.12 20.66
C TRP A 142 -6.56 9.38 19.79
N ARG A 143 -7.83 9.58 20.06
CA ARG A 143 -8.93 9.04 19.22
C ARG A 143 -8.88 9.63 17.82
N ALA A 144 -8.70 8.79 16.79
CA ALA A 144 -8.68 9.24 15.37
C ALA A 144 -10.08 9.73 15.00
N GLY A 145 -10.16 10.91 14.42
CA GLY A 145 -11.45 11.42 13.94
C GLY A 145 -11.98 10.63 12.76
N SER A 146 -13.22 10.91 12.39
CA SER A 146 -13.87 10.43 11.15
C SER A 146 -13.27 11.00 9.85
N ALA A 147 -12.56 12.15 9.86
CA ALA A 147 -12.16 12.87 8.63
C ALA A 147 -11.41 11.94 7.69
N GLY A 148 -11.75 12.05 6.41
CA GLY A 148 -11.03 11.30 5.38
C GLY A 148 -11.87 11.07 4.14
N TYR A 149 -11.27 10.41 3.17
CA TYR A 149 -11.90 10.02 1.88
C TYR A 149 -12.43 8.62 2.05
N TRP A 150 -13.75 8.49 1.98
CA TRP A 150 -14.49 7.26 2.29
C TRP A 150 -15.47 7.00 1.14
N HIS A 151 -16.38 6.06 1.32
CA HIS A 151 -17.25 5.61 0.20
C HIS A 151 -18.37 4.78 0.82
N TYR A 152 -19.44 4.64 0.07
CA TYR A 152 -20.60 3.82 0.42
C TYR A 152 -20.91 2.90 -0.74
N HIS A 153 -21.44 1.73 -0.42
CA HIS A 153 -21.82 0.74 -1.48
C HIS A 153 -22.80 -0.28 -0.94
N ASP A 154 -23.35 -1.07 -1.86
CA ASP A 154 -24.35 -2.11 -1.53
C ASP A 154 -23.58 -3.30 -0.95
N HIS A 155 -24.20 -4.05 -0.04
CA HIS A 155 -23.58 -5.23 0.61
C HIS A 155 -24.45 -6.49 0.39
N VAL A 156 -25.50 -6.46 -0.44
CA VAL A 156 -26.36 -7.67 -0.57
C VAL A 156 -26.82 -8.02 -2.00
N VAL A 157 -26.60 -7.19 -3.00
CA VAL A 157 -27.04 -7.57 -4.38
C VAL A 157 -26.05 -8.57 -4.92
N GLY A 158 -26.55 -9.73 -5.34
CA GLY A 158 -25.77 -10.78 -6.02
C GLY A 158 -25.23 -11.77 -5.01
N THR A 159 -24.59 -11.25 -3.97
CA THR A 159 -24.00 -12.03 -2.85
C THR A 159 -24.16 -11.24 -1.54
N GLU A 160 -23.80 -11.86 -0.42
CA GLU A 160 -23.85 -11.22 0.93
C GLU A 160 -22.66 -10.29 1.08
N HIS A 161 -21.84 -10.12 0.04
CA HIS A 161 -20.80 -9.05 0.01
C HIS A 161 -21.08 -7.96 -1.04
N GLY A 162 -22.23 -8.02 -1.70
CA GLY A 162 -22.67 -6.95 -2.62
C GLY A 162 -21.94 -7.00 -3.96
N THR A 163 -21.35 -8.15 -4.31
CA THR A 163 -20.52 -8.32 -5.53
C THR A 163 -21.35 -7.84 -6.73
N GLY A 164 -22.61 -8.27 -6.82
CA GLY A 164 -23.49 -7.95 -7.95
C GLY A 164 -23.82 -6.47 -7.93
N GLY A 165 -24.16 -5.92 -6.76
CA GLY A 165 -24.61 -4.53 -6.71
C GLY A 165 -23.47 -3.58 -7.05
N ILE A 166 -22.31 -3.86 -6.51
CA ILE A 166 -21.08 -3.07 -6.74
C ILE A 166 -20.71 -3.14 -8.23
N ARG A 167 -20.72 -4.34 -8.79
CA ARG A 167 -20.36 -4.55 -10.22
C ARG A 167 -21.25 -3.66 -11.08
N LYS A 168 -22.51 -3.54 -10.71
CA LYS A 168 -23.53 -2.90 -11.55
C LYS A 168 -23.65 -1.42 -11.28
N GLY A 169 -23.03 -0.91 -10.21
CA GLY A 169 -22.95 0.55 -10.03
C GLY A 169 -23.30 1.10 -8.64
N LEU A 170 -23.71 0.26 -7.69
CA LEU A 170 -24.12 0.74 -6.36
C LEU A 170 -22.88 1.10 -5.53
N TYR A 171 -22.31 2.24 -5.85
CA TYR A 171 -21.16 2.83 -5.12
C TYR A 171 -21.18 4.34 -5.24
N GLY A 172 -20.67 5.01 -4.21
CA GLY A 172 -20.51 6.47 -4.27
C GLY A 172 -19.54 6.95 -3.21
N PRO A 173 -19.06 8.20 -3.37
CA PRO A 173 -18.02 8.78 -2.51
C PRO A 173 -18.58 9.49 -1.27
N VAL A 174 -17.81 9.49 -0.23
CA VAL A 174 -18.12 10.23 1.02
C VAL A 174 -16.85 10.95 1.44
N ILE A 175 -16.98 12.24 1.72
CA ILE A 175 -15.88 13.06 2.30
C ILE A 175 -16.34 13.56 3.66
N VAL A 176 -15.48 13.36 4.64
CA VAL A 176 -15.64 13.93 6.01
C VAL A 176 -14.45 14.86 6.21
N ARG A 177 -14.75 16.11 6.47
CA ARG A 177 -13.78 17.16 6.70
C ARG A 177 -13.61 17.47 8.19
N ARG A 178 -12.39 17.86 8.48
CA ARG A 178 -11.94 18.31 9.81
C ARG A 178 -12.03 19.85 9.79
N LYS A 179 -12.38 20.44 10.93
CA LYS A 179 -12.32 21.92 11.11
C LYS A 179 -10.96 22.43 10.61
N GLY A 180 -10.99 23.47 9.78
CA GLY A 180 -9.80 24.13 9.23
C GLY A 180 -9.25 23.41 8.02
N ASP A 181 -9.84 22.28 7.60
CA ASP A 181 -9.43 21.66 6.32
C ASP A 181 -9.53 22.69 5.19
N VAL A 182 -8.58 22.64 4.24
CA VAL A 182 -8.56 23.45 2.99
C VAL A 182 -9.64 22.87 2.08
N LEU A 183 -10.53 23.74 1.59
CA LEU A 183 -11.67 23.33 0.75
C LEU A 183 -11.29 23.57 -0.71
N PRO A 184 -11.74 22.69 -1.63
CA PRO A 184 -11.31 22.80 -3.02
C PRO A 184 -12.24 23.73 -3.83
N ASP A 185 -11.87 23.96 -5.08
CA ASP A 185 -12.71 24.66 -6.10
C ASP A 185 -13.65 23.65 -6.73
N ALA A 186 -13.30 22.36 -6.74
CA ALA A 186 -14.10 21.32 -7.41
C ALA A 186 -13.61 19.96 -6.90
N THR A 187 -14.50 19.00 -6.94
CA THR A 187 -14.25 17.61 -6.49
C THR A 187 -14.64 16.69 -7.64
N HIS A 188 -13.77 15.76 -7.98
CA HIS A 188 -14.02 14.76 -9.04
C HIS A 188 -13.78 13.38 -8.45
N THR A 189 -14.71 12.46 -8.72
CA THR A 189 -14.61 11.07 -8.21
C THR A 189 -14.18 10.15 -9.35
N ILE A 190 -13.21 9.28 -9.09
CA ILE A 190 -12.71 8.31 -10.08
C ILE A 190 -12.79 6.97 -9.39
N VAL A 191 -13.67 6.10 -9.88
CA VAL A 191 -13.78 4.74 -9.33
C VAL A 191 -13.22 3.77 -10.37
N PHE A 192 -12.23 3.00 -9.96
CA PHE A 192 -11.79 1.80 -10.70
C PHE A 192 -12.65 0.63 -10.22
N ASN A 193 -13.62 0.24 -11.03
CA ASN A 193 -14.54 -0.86 -10.72
C ASN A 193 -14.26 -2.02 -11.68
N ASP A 194 -13.67 -3.13 -11.21
CA ASP A 194 -13.14 -4.19 -12.10
C ASP A 194 -12.22 -3.50 -13.13
N MET A 195 -12.49 -3.65 -14.43
CA MET A 195 -11.67 -3.07 -15.52
C MET A 195 -12.27 -1.73 -15.98
N LEU A 196 -13.35 -1.24 -15.34
CA LEU A 196 -14.11 -0.04 -15.80
C LEU A 196 -13.67 1.17 -14.99
N ILE A 197 -13.98 2.35 -15.49
CA ILE A 197 -13.83 3.61 -14.73
C ILE A 197 -15.22 4.21 -14.63
N ASN A 198 -15.77 4.28 -13.40
CA ASN A 198 -17.12 4.84 -13.18
C ASN A 198 -18.14 4.07 -14.05
N ASN A 199 -17.92 2.78 -14.25
CA ASN A 199 -18.80 1.89 -15.07
C ASN A 199 -18.97 2.40 -16.52
N ARG A 200 -18.11 3.29 -17.01
CA ARG A 200 -18.23 3.84 -18.39
C ARG A 200 -17.75 2.81 -19.43
N PRO A 201 -18.33 2.85 -20.65
CA PRO A 201 -17.82 2.08 -21.79
C PRO A 201 -16.29 2.12 -22.01
N ALA A 202 -15.73 1.02 -22.51
CA ALA A 202 -14.28 0.75 -22.73
C ALA A 202 -13.46 2.05 -22.62
N PRO A 206 -13.78 9.13 -18.10
CA PRO A 206 -14.28 10.50 -17.91
C PRO A 206 -13.16 11.55 -17.85
N ASN A 207 -13.48 12.75 -18.37
CA ASN A 207 -12.61 13.94 -18.38
C ASN A 207 -13.08 14.94 -17.32
N PHE A 208 -12.13 15.71 -16.78
CA PHE A 208 -12.42 16.73 -15.74
C PHE A 208 -11.69 18.00 -16.16
N GLU A 209 -12.42 19.10 -16.20
CA GLU A 209 -11.89 20.39 -16.66
C GLU A 209 -11.48 21.23 -15.48
N ALA A 210 -10.39 21.95 -15.61
CA ALA A 210 -10.02 22.97 -14.62
C ALA A 210 -9.28 24.10 -15.30
N THR A 211 -9.09 25.19 -14.58
CA THR A 211 -8.15 26.25 -14.95
C THR A 211 -6.88 26.19 -14.12
N VAL A 212 -5.75 26.46 -14.75
CA VAL A 212 -4.47 26.63 -14.02
C VAL A 212 -4.71 27.42 -12.73
N GLY A 213 -4.20 26.88 -11.64
CA GLY A 213 -4.27 27.51 -10.32
C GLY A 213 -5.49 27.06 -9.55
N ASP A 214 -6.46 26.42 -10.17
CA ASP A 214 -7.64 25.88 -9.43
C ASP A 214 -7.15 24.88 -8.37
N ARG A 215 -7.75 24.88 -7.18
CA ARG A 215 -7.51 23.84 -6.17
C ARG A 215 -8.49 22.70 -6.49
N VAL A 216 -7.98 21.59 -7.02
CA VAL A 216 -8.83 20.49 -7.52
C VAL A 216 -8.64 19.25 -6.64
N GLU A 217 -9.76 18.77 -6.13
CA GLU A 217 -9.86 17.56 -5.29
C GLU A 217 -10.22 16.38 -6.15
N PHE A 218 -9.60 15.24 -5.83
CA PHE A 218 -9.95 13.94 -6.42
C PHE A 218 -10.21 12.95 -5.30
N VAL A 219 -11.31 12.21 -5.45
CA VAL A 219 -11.63 11.03 -4.64
C VAL A 219 -11.40 9.81 -5.50
N MET A 220 -10.71 8.81 -4.95
CA MET A 220 -10.23 7.68 -5.73
C MET A 220 -10.58 6.39 -4.98
N ILE A 221 -11.56 5.67 -5.55
CA ILE A 221 -12.19 4.50 -4.94
C ILE A 221 -12.01 3.31 -5.89
N THR A 222 -11.64 2.16 -5.34
CA THR A 222 -11.46 0.91 -6.11
C THR A 222 -12.49 -0.12 -5.62
N HIS A 223 -13.00 -0.95 -6.55
CA HIS A 223 -13.98 -2.01 -6.30
C HIS A 223 -13.68 -3.21 -7.19
N GLY A 224 -14.06 -4.39 -6.74
CA GLY A 224 -14.23 -5.57 -7.61
C GLY A 224 -13.19 -6.63 -7.32
N GLU A 225 -12.51 -7.11 -8.37
CA GLU A 225 -11.68 -8.34 -8.29
C GLU A 225 -10.18 -7.99 -8.31
N TYR A 226 -9.81 -6.84 -8.85
CA TYR A 226 -8.40 -6.62 -9.25
C TYR A 226 -7.75 -5.50 -8.44
N TYR A 227 -6.43 -5.61 -8.26
CA TYR A 227 -5.56 -4.49 -7.83
C TYR A 227 -5.37 -3.56 -9.05
N HIS A 228 -5.14 -2.28 -8.79
CA HIS A 228 -4.81 -1.26 -9.79
C HIS A 228 -3.67 -0.35 -9.30
N THR A 229 -3.07 0.41 -10.20
CA THR A 229 -2.20 1.54 -9.79
C THR A 229 -2.78 2.80 -10.44
N PHE A 230 -3.13 3.78 -9.63
CA PHE A 230 -3.68 5.06 -10.09
C PHE A 230 -2.48 5.99 -10.33
N HIS A 231 -2.38 6.55 -11.53
CA HIS A 231 -1.32 7.49 -11.95
C HIS A 231 -1.93 8.73 -12.61
N MET A 232 -1.44 9.89 -12.24
CA MET A 232 -1.81 11.18 -12.90
C MET A 232 -0.53 11.84 -13.44
N HIS A 233 -0.56 12.23 -14.71
CA HIS A 233 0.55 12.95 -15.36
C HIS A 233 0.56 14.40 -14.87
N GLY A 234 1.75 14.96 -14.68
CA GLY A 234 1.94 16.41 -14.43
C GLY A 234 1.62 16.82 -13.00
N HIS A 235 1.21 15.90 -12.14
CA HIS A 235 0.73 16.22 -10.76
C HIS A 235 1.23 15.17 -9.76
N ARG A 236 1.23 15.53 -8.48
CA ARG A 236 1.66 14.59 -7.44
C ARG A 236 0.93 14.98 -6.13
N TRP A 237 0.95 14.08 -5.18
CA TRP A 237 0.27 14.33 -3.89
C TRP A 237 1.00 13.59 -2.78
N ALA A 238 0.57 13.82 -1.55
CA ALA A 238 1.19 13.24 -0.34
C ALA A 238 0.37 12.01 0.00
N ASP A 239 1.07 10.93 0.37
CA ASP A 239 0.36 9.73 0.81
C ASP A 239 -0.04 9.89 2.28
N ASN A 240 -1.09 10.65 2.57
CA ASN A 240 -1.50 10.93 3.97
C ASN A 240 -2.98 11.19 3.98
N ARG A 241 -3.52 11.64 5.11
CA ARG A 241 -4.97 11.77 5.28
C ARG A 241 -5.58 12.71 4.23
N THR A 242 -5.02 13.92 4.06
CA THR A 242 -5.60 14.95 3.18
C THR A 242 -5.07 14.87 1.74
N GLY A 243 -4.02 14.09 1.53
CA GLY A 243 -3.26 14.08 0.27
C GLY A 243 -2.44 15.31 0.07
N MET A 244 -2.24 16.11 1.11
CA MET A 244 -1.33 17.29 1.05
C MET A 244 -0.43 17.27 2.27
N LEU A 245 0.84 17.58 2.08
CA LEU A 245 1.77 17.71 3.22
C LEU A 245 1.30 18.85 4.12
N THR A 246 1.35 18.65 5.43
CA THR A 246 0.88 19.63 6.41
C THR A 246 1.92 20.76 6.52
N GLY A 247 3.17 20.48 6.15
CA GLY A 247 4.31 21.42 6.33
C GLY A 247 5.62 20.66 6.32
N PRO A 248 6.73 21.30 6.71
CA PRO A 248 8.06 20.70 6.59
C PRO A 248 8.31 19.51 7.52
N ASP A 249 7.51 19.36 8.59
CA ASP A 249 7.64 18.26 9.58
C ASP A 249 6.83 17.03 9.12
N ASP A 250 6.20 17.07 7.94
CA ASP A 250 5.39 15.94 7.43
C ASP A 250 6.25 15.06 6.52
N PRO A 251 6.63 13.84 6.96
CA PRO A 251 7.54 12.99 6.20
C PRO A 251 6.88 12.05 5.17
N SER A 252 5.58 12.18 4.98
CA SER A 252 4.77 11.35 4.04
C SER A 252 5.47 11.29 2.68
N GLN A 253 5.45 10.12 2.04
CA GLN A 253 5.96 9.98 0.65
C GLN A 253 5.09 10.89 -0.25
N VAL A 254 5.74 11.52 -1.21
CA VAL A 254 5.09 12.27 -2.29
C VAL A 254 5.14 11.40 -3.54
N VAL A 255 3.98 11.14 -4.12
CA VAL A 255 3.73 10.07 -5.11
C VAL A 255 2.94 10.64 -6.30
N ASP A 256 3.05 9.99 -7.46
CA ASP A 256 2.13 10.23 -8.61
C ASP A 256 1.50 8.89 -9.01
N ASN A 257 1.74 7.85 -8.22
CA ASN A 257 1.33 6.46 -8.54
C ASN A 257 1.00 5.73 -7.24
N LYS A 258 -0.13 5.02 -7.18
CA LYS A 258 -0.55 4.42 -5.90
C LYS A 258 -1.28 3.12 -6.16
N ILE A 259 -0.79 2.04 -5.55
CA ILE A 259 -1.44 0.73 -5.67
C ILE A 259 -2.71 0.74 -4.79
N VAL A 260 -3.80 0.25 -5.34
CA VAL A 260 -5.13 0.26 -4.66
C VAL A 260 -5.75 -1.09 -4.94
N GLY A 261 -6.57 -1.52 -4.00
CA GLY A 261 -7.33 -2.77 -4.13
C GLY A 261 -8.78 -2.51 -3.75
N PRO A 262 -9.64 -3.49 -3.99
CA PRO A 262 -11.07 -3.39 -3.71
C PRO A 262 -11.43 -2.86 -2.31
N ALA A 263 -12.17 -1.76 -2.34
CA ALA A 263 -12.75 -0.95 -1.24
C ALA A 263 -11.70 -0.01 -0.66
N ASP A 264 -10.58 0.15 -1.33
CA ASP A 264 -9.62 1.20 -0.94
C ASP A 264 -10.24 2.54 -1.34
N SER A 265 -9.99 3.57 -0.54
CA SER A 265 -10.39 4.95 -0.87
C SER A 265 -9.28 5.89 -0.37
N PHE A 266 -8.91 6.84 -1.23
CA PHE A 266 -7.97 7.91 -0.84
C PHE A 266 -8.39 9.15 -1.61
N GLY A 267 -7.81 10.27 -1.25
CA GLY A 267 -8.12 11.50 -1.96
C GLY A 267 -6.97 12.45 -1.85
N PHE A 268 -7.03 13.54 -2.59
CA PHE A 268 -5.96 14.54 -2.60
C PHE A 268 -6.49 15.79 -3.29
N GLN A 269 -5.75 16.86 -3.09
CA GLN A 269 -6.00 18.12 -3.80
C GLN A 269 -4.68 18.51 -4.47
N VAL A 270 -4.78 19.02 -5.68
CA VAL A 270 -3.60 19.53 -6.43
C VAL A 270 -3.94 20.96 -6.81
N ILE A 271 -2.95 21.80 -7.02
CA ILE A 271 -3.16 23.07 -7.74
C ILE A 271 -2.97 22.73 -9.23
N ALA A 272 -4.04 22.89 -10.02
CA ALA A 272 -4.07 22.51 -11.45
C ALA A 272 -2.91 23.19 -12.18
N GLY A 273 -2.15 22.38 -12.89
CA GLY A 273 -0.98 22.81 -13.70
C GLY A 273 0.14 23.41 -12.86
N GLU A 274 0.16 23.25 -11.54
CA GLU A 274 1.24 23.88 -10.74
C GLU A 274 2.62 23.40 -11.21
N GLY A 275 3.47 24.36 -11.60
CA GLY A 275 4.85 24.16 -12.08
C GLY A 275 4.93 23.40 -13.39
N VAL A 276 3.79 23.11 -14.05
CA VAL A 276 3.76 22.25 -15.28
C VAL A 276 2.94 22.91 -16.40
N GLY A 277 2.05 23.84 -16.08
CA GLY A 277 1.25 24.61 -17.06
C GLY A 277 0.01 23.85 -17.52
N ALA A 278 -0.77 24.51 -18.34
CA ALA A 278 -1.98 23.96 -18.97
C ALA A 278 -1.64 22.78 -19.87
N GLY A 279 -2.64 21.94 -20.10
CA GLY A 279 -2.54 20.81 -21.03
C GLY A 279 -3.57 19.75 -20.74
N ALA A 280 -3.59 18.73 -21.59
CA ALA A 280 -4.35 17.50 -21.42
C ALA A 280 -3.49 16.56 -20.59
N TRP A 281 -3.80 16.47 -19.29
CA TRP A 281 -2.99 15.72 -18.32
C TRP A 281 -3.66 14.37 -18.11
N MET A 282 -3.13 13.34 -18.72
CA MET A 282 -3.81 12.01 -18.58
C MET A 282 -3.74 11.44 -17.15
N TYR A 283 -4.81 10.80 -16.71
CA TYR A 283 -4.75 9.88 -15.56
C TYR A 283 -5.12 8.49 -16.06
N HIS A 284 -4.53 7.47 -15.47
CA HIS A 284 -4.79 6.09 -15.94
C HIS A 284 -4.36 5.13 -14.87
N CYS A 285 -4.93 3.94 -14.93
CA CYS A 285 -4.30 2.75 -14.34
C CYS A 285 -2.94 2.55 -15.03
N HIS A 286 -1.92 2.17 -14.27
CA HIS A 286 -0.56 1.94 -14.82
C HIS A 286 -0.29 0.44 -14.92
N VAL A 287 -1.25 -0.41 -14.56
CA VAL A 287 -1.18 -1.85 -14.95
C VAL A 287 -1.31 -1.91 -16.49
N GLN A 288 -0.26 -2.34 -17.17
CA GLN A 288 -0.10 -2.13 -18.63
C GLN A 288 -1.35 -2.59 -19.39
N SER A 289 -1.81 -3.81 -19.18
CA SER A 289 -2.95 -4.39 -19.92
C SER A 289 -4.23 -3.62 -19.61
N HIS A 290 -4.38 -3.06 -18.40
CA HIS A 290 -5.55 -2.23 -18.04
C HIS A 290 -5.47 -0.94 -18.85
N SER A 291 -4.32 -0.26 -18.85
CA SER A 291 -4.12 1.02 -19.56
C SER A 291 -4.31 0.79 -21.07
N ASP A 292 -4.00 -0.40 -21.55
CA ASP A 292 -4.09 -0.76 -22.99
C ASP A 292 -5.54 -1.00 -23.46
N MET A 293 -6.53 -1.01 -22.56
CA MET A 293 -7.93 -1.42 -22.88
C MET A 293 -8.70 -0.23 -23.41
N GLY A 294 -8.21 1.01 -23.27
CA GLY A 294 -8.69 2.17 -24.06
C GLY A 294 -9.24 3.34 -23.26
N TYR A 295 -9.25 3.24 -21.93
CA TYR A 295 -9.99 4.13 -21.00
C TYR A 295 -9.11 5.34 -20.70
N VAL A 296 -8.87 6.21 -21.70
CA VAL A 296 -8.00 7.42 -21.56
C VAL A 296 -8.80 8.57 -20.91
N GLY A 297 -8.63 8.76 -19.60
CA GLY A 297 -9.15 9.93 -18.88
C GLY A 297 -8.20 11.11 -18.93
N LEU A 298 -8.73 12.32 -19.10
CA LEU A 298 -7.96 13.57 -19.15
C LEU A 298 -8.39 14.51 -18.02
N PHE A 299 -7.41 15.04 -17.32
CA PHE A 299 -7.52 16.24 -16.48
C PHE A 299 -7.19 17.41 -17.40
N LEU A 300 -8.22 18.09 -17.90
CA LEU A 300 -8.05 19.13 -18.96
C LEU A 300 -7.85 20.48 -18.28
N VAL A 301 -6.59 20.92 -18.21
CA VAL A 301 -6.21 22.12 -17.44
C VAL A 301 -6.04 23.24 -18.45
N LYS A 302 -6.96 24.20 -18.40
CA LYS A 302 -7.01 25.33 -19.35
C LYS A 302 -6.12 26.46 -18.84
N LYS A 303 -5.52 27.22 -19.74
CA LYS A 303 -4.88 28.51 -19.36
C LYS A 303 -5.99 29.44 -18.88
N THR A 304 -5.62 30.54 -18.24
CA THR A 304 -6.57 31.59 -17.78
C THR A 304 -7.42 32.06 -18.96
N ASP A 305 -6.89 32.07 -20.19
CA ASP A 305 -7.67 32.54 -21.38
C ASP A 305 -8.66 31.46 -21.85
N GLY A 306 -8.54 30.22 -21.38
CA GLY A 306 -9.50 29.13 -21.70
C GLY A 306 -8.92 28.12 -22.68
N THR A 307 -7.71 28.33 -23.20
CA THR A 307 -7.10 27.44 -24.22
C THR A 307 -6.33 26.29 -23.57
N ILE A 308 -6.27 25.16 -24.26
CA ILE A 308 -5.37 24.02 -23.91
C ILE A 308 -4.39 23.86 -25.06
N PRO A 309 -3.05 23.88 -24.82
CA PRO A 309 -2.07 23.51 -25.84
C PRO A 309 -2.54 22.25 -26.58
N GLY A 310 -2.89 22.38 -27.87
CA GLY A 310 -3.70 21.41 -28.64
C GLY A 310 -3.16 20.00 -28.54
N TYR A 311 -4.04 18.99 -28.67
CA TYR A 311 -3.76 17.55 -28.42
C TYR A 311 -4.71 16.70 -29.30
N GLY B 43 18.56 25.92 -7.97
CA GLY B 43 19.53 24.84 -8.33
C GLY B 43 20.32 25.18 -9.60
N GLU B 44 20.84 24.15 -10.28
CA GLU B 44 21.69 24.28 -11.49
C GLU B 44 20.84 23.93 -12.71
N VAL B 45 21.31 24.33 -13.88
CA VAL B 45 20.78 23.91 -15.21
C VAL B 45 21.76 22.89 -15.78
N ARG B 46 21.30 21.66 -15.96
CA ARG B 46 22.15 20.53 -16.42
C ARG B 46 21.68 20.11 -17.81
N ARG B 47 22.62 19.66 -18.66
CA ARG B 47 22.36 19.07 -19.99
C ARG B 47 22.87 17.63 -19.99
N ILE B 48 22.12 16.70 -20.56
CA ILE B 48 22.67 15.34 -20.80
C ILE B 48 22.17 14.88 -22.17
N LYS B 49 22.79 13.81 -22.65
CA LYS B 49 22.32 13.08 -23.83
C LYS B 49 21.84 11.74 -23.35
N LEU B 50 20.78 11.26 -23.98
CA LEU B 50 20.20 9.94 -23.73
C LEU B 50 19.80 9.34 -25.07
N TYR B 51 20.05 8.06 -25.22
CA TYR B 51 19.76 7.32 -26.47
C TYR B 51 18.84 6.18 -26.10
N ALA B 52 17.84 5.87 -26.92
CA ALA B 52 17.17 4.57 -26.89
C ALA B 52 17.82 3.71 -27.97
N GLU B 53 18.23 2.48 -27.64
CA GLU B 53 18.81 1.51 -28.61
C GLU B 53 18.21 0.13 -28.44
N ARG B 54 18.03 -0.59 -29.55
CA ARG B 54 17.72 -2.03 -29.49
C ARG B 54 18.95 -2.76 -28.97
N LEU B 55 18.76 -3.84 -28.24
CA LEU B 55 19.85 -4.66 -27.64
C LEU B 55 19.60 -6.11 -28.07
N ALA B 56 20.53 -7.03 -27.76
CA ALA B 56 20.36 -8.48 -28.00
C ALA B 56 19.16 -9.02 -27.22
N ASP B 57 18.45 -9.95 -27.84
CA ASP B 57 17.34 -10.75 -27.28
C ASP B 57 16.06 -9.92 -27.35
N GLY B 58 15.97 -9.05 -28.37
CA GLY B 58 14.82 -8.15 -28.61
C GLY B 58 14.60 -7.23 -27.42
N GLN B 59 15.68 -6.71 -26.82
CA GLN B 59 15.57 -5.76 -25.68
C GLN B 59 15.73 -4.35 -26.24
N MET B 60 15.36 -3.37 -25.43
CA MET B 60 15.56 -1.93 -25.71
C MET B 60 16.01 -1.31 -24.39
N GLY B 61 17.02 -0.47 -24.49
CA GLY B 61 17.63 0.20 -23.33
C GLY B 61 17.90 1.65 -23.64
N TYR B 62 17.95 2.42 -22.58
CA TYR B 62 18.43 3.81 -22.58
C TYR B 62 19.89 3.77 -22.15
N GLY B 63 20.68 4.65 -22.74
CA GLY B 63 22.08 4.85 -22.35
C GLY B 63 22.47 6.30 -22.47
N LEU B 64 23.51 6.69 -21.72
CA LEU B 64 24.09 8.06 -21.80
C LEU B 64 25.07 8.16 -23.00
N GLU B 65 25.49 7.02 -23.57
CA GLU B 65 26.37 6.96 -24.78
C GLU B 65 25.86 5.88 -25.73
N LYS B 66 26.00 6.04 -27.05
CA LYS B 66 25.70 4.91 -28.00
C LYS B 66 26.49 3.65 -27.61
N GLY B 67 25.80 2.50 -27.62
CA GLY B 67 26.31 1.16 -27.31
C GLY B 67 26.66 0.96 -25.84
N ARG B 68 26.16 1.82 -24.94
CA ARG B 68 26.28 1.65 -23.47
C ARG B 68 24.88 1.72 -22.85
N ALA B 69 23.86 1.37 -23.61
CA ALA B 69 22.48 1.25 -23.08
C ALA B 69 22.48 0.13 -22.04
N THR B 70 21.76 0.34 -20.91
CA THR B 70 21.66 -0.62 -19.79
C THR B 70 20.17 -0.78 -19.47
N ILE B 71 19.81 -1.92 -18.90
CA ILE B 71 18.47 -2.18 -18.28
C ILE B 71 18.71 -2.59 -16.84
N PRO B 72 18.28 -1.80 -15.84
CA PRO B 72 17.69 -0.48 -16.06
C PRO B 72 18.61 0.54 -16.68
N GLY B 73 18.02 1.62 -17.19
CA GLY B 73 18.71 2.78 -17.74
C GLY B 73 19.55 3.47 -16.68
N PRO B 74 20.34 4.45 -17.13
CA PRO B 74 21.21 5.20 -16.25
C PRO B 74 20.43 5.89 -15.12
N LEU B 75 21.03 5.93 -13.95
CA LEU B 75 20.53 6.72 -12.80
C LEU B 75 20.67 8.20 -13.10
N ILE B 76 19.56 8.93 -13.06
CA ILE B 76 19.57 10.42 -13.13
C ILE B 76 19.37 10.95 -11.70
N GLU B 77 20.28 11.78 -11.24
CA GLU B 77 20.19 12.35 -9.88
C GLU B 77 20.17 13.89 -10.00
N LEU B 78 19.19 14.53 -9.34
CA LEU B 78 18.99 16.00 -9.30
C LEU B 78 18.77 16.45 -7.85
N ASN B 79 19.08 17.72 -7.59
CA ASN B 79 18.67 18.43 -6.36
C ASN B 79 17.46 19.28 -6.70
N GLU B 80 16.51 19.40 -5.75
CA GLU B 80 15.34 20.26 -5.87
C GLU B 80 15.76 21.67 -6.33
N GLY B 81 15.14 22.14 -7.41
CA GLY B 81 15.45 23.44 -8.03
C GLY B 81 16.22 23.25 -9.32
N ASP B 82 16.93 22.14 -9.48
CA ASP B 82 17.71 21.85 -10.71
C ASP B 82 16.77 21.68 -11.89
N THR B 83 17.24 22.06 -13.07
CA THR B 83 16.57 21.85 -14.37
C THR B 83 17.45 20.92 -15.17
N LEU B 84 16.87 19.92 -15.82
CA LEU B 84 17.59 18.97 -16.68
C LEU B 84 17.04 19.05 -18.10
N HIS B 85 17.91 19.32 -19.06
CA HIS B 85 17.61 19.22 -20.51
C HIS B 85 18.23 17.93 -21.03
N ILE B 86 17.39 17.03 -21.53
CA ILE B 86 17.77 15.69 -22.01
C ILE B 86 17.68 15.74 -23.54
N GLU B 87 18.83 15.73 -24.22
CA GLU B 87 18.91 15.63 -25.71
C GLU B 87 18.73 14.16 -26.03
N PHE B 88 17.53 13.78 -26.42
CA PHE B 88 17.14 12.37 -26.50
C PHE B 88 17.18 11.96 -27.96
N GLU B 89 17.92 10.91 -28.26
CA GLU B 89 18.00 10.40 -29.64
C GLU B 89 17.41 9.00 -29.66
N ASN B 90 16.37 8.85 -30.46
CA ASN B 90 15.78 7.52 -30.73
C ASN B 90 16.57 6.88 -31.88
N THR B 91 17.47 5.95 -31.59
CA THR B 91 18.30 5.27 -32.62
C THR B 91 17.49 4.12 -33.23
N MET B 92 16.27 3.83 -32.74
CA MET B 92 15.52 2.62 -33.16
C MET B 92 14.65 2.91 -34.41
N ASP B 93 14.05 1.85 -34.95
CA ASP B 93 13.26 1.88 -36.22
C ASP B 93 11.76 2.00 -35.91
N VAL B 94 11.38 2.21 -34.65
CA VAL B 94 9.98 2.46 -34.22
C VAL B 94 9.99 3.74 -33.38
N ARG B 95 8.85 4.41 -33.34
CA ARG B 95 8.65 5.59 -32.46
C ARG B 95 8.97 5.18 -31.00
N ALA B 96 9.60 6.09 -30.26
CA ALA B 96 9.95 5.92 -28.83
C ALA B 96 9.79 7.23 -28.09
N SER B 97 9.71 7.18 -26.76
CA SER B 97 9.58 8.43 -25.98
C SER B 97 10.34 8.31 -24.66
N LEU B 98 10.40 9.43 -23.98
CA LEU B 98 10.89 9.51 -22.60
C LEU B 98 9.83 10.24 -21.79
N HIS B 99 9.26 9.51 -20.82
CA HIS B 99 8.23 9.99 -19.87
C HIS B 99 8.80 9.86 -18.46
N VAL B 100 8.63 10.88 -17.62
CA VAL B 100 9.10 10.80 -16.22
C VAL B 100 7.91 10.93 -15.26
N HIS B 101 8.04 10.25 -14.15
CA HIS B 101 7.16 10.37 -12.94
C HIS B 101 7.72 11.46 -12.01
N GLY B 102 6.83 12.08 -11.25
CA GLY B 102 7.19 12.93 -10.09
C GLY B 102 7.64 14.33 -10.45
N LEU B 103 8.47 14.49 -11.49
CA LEU B 103 9.17 15.78 -11.75
C LEU B 103 8.24 16.75 -12.49
N ASP B 104 8.58 18.03 -12.49
CA ASP B 104 7.82 19.06 -13.23
C ASP B 104 8.23 18.93 -14.71
N TYR B 105 7.27 18.87 -15.61
CA TYR B 105 7.52 18.87 -17.07
C TYR B 105 6.27 19.48 -17.71
N GLU B 106 6.45 20.14 -18.84
CA GLU B 106 5.31 20.70 -19.62
C GLU B 106 4.77 19.59 -20.52
N VAL B 107 3.61 19.81 -21.14
CA VAL B 107 3.00 18.74 -21.98
C VAL B 107 3.97 18.45 -23.12
N SER B 108 4.79 19.43 -23.52
CA SER B 108 5.74 19.27 -24.65
C SER B 108 6.84 18.26 -24.24
N SER B 109 6.96 17.96 -22.93
CA SER B 109 7.88 16.90 -22.44
C SER B 109 7.10 15.72 -21.82
N ASP B 110 5.82 15.56 -22.17
CA ASP B 110 4.96 14.46 -21.64
C ASP B 110 5.52 13.11 -22.12
N GLY B 111 6.08 13.07 -23.34
CA GLY B 111 6.53 11.80 -23.94
C GLY B 111 5.40 10.94 -24.45
N THR B 112 4.29 11.54 -24.89
CA THR B 112 3.08 10.77 -25.30
C THR B 112 2.69 11.17 -26.72
N THR B 113 1.94 10.33 -27.42
CA THR B 113 1.31 10.68 -28.72
C THR B 113 0.26 11.79 -28.50
N LEU B 114 -0.52 11.71 -27.42
CA LEU B 114 -1.54 12.72 -27.08
C LEU B 114 -0.91 14.13 -27.16
N ASN B 115 0.29 14.29 -26.60
CA ASN B 115 0.93 15.62 -26.39
C ASN B 115 2.07 15.75 -27.39
N LYS B 116 2.01 15.00 -28.51
CA LYS B 116 2.90 15.15 -29.69
C LYS B 116 4.36 15.24 -29.24
N SER B 117 4.81 14.40 -28.33
CA SER B 117 6.16 14.56 -27.70
C SER B 117 6.83 13.21 -27.60
N ASP B 118 6.40 12.26 -28.42
CA ASP B 118 7.23 11.08 -28.74
C ASP B 118 8.22 11.46 -29.86
N VAL B 119 9.03 10.51 -30.30
CA VAL B 119 10.16 10.75 -31.24
C VAL B 119 10.07 9.73 -32.38
N GLU B 120 10.10 10.24 -33.61
CA GLU B 120 10.10 9.41 -34.84
C GLU B 120 11.36 8.56 -34.85
N PRO B 121 11.37 7.43 -35.58
CA PRO B 121 12.57 6.61 -35.70
C PRO B 121 13.74 7.50 -36.18
N GLY B 122 14.93 7.33 -35.58
CA GLY B 122 16.13 8.12 -35.91
C GLY B 122 16.05 9.54 -35.39
N GLY B 123 14.93 9.91 -34.77
CA GLY B 123 14.64 11.31 -34.40
C GLY B 123 15.39 11.76 -33.15
N THR B 124 15.44 13.06 -32.95
CA THR B 124 16.00 13.71 -31.74
C THR B 124 14.94 14.64 -31.16
N ARG B 125 14.93 14.76 -29.83
CA ARG B 125 14.02 15.67 -29.12
C ARG B 125 14.66 16.05 -27.78
N THR B 126 14.64 17.33 -27.43
CA THR B 126 15.10 17.81 -26.11
C THR B 126 13.89 17.81 -25.18
N TYR B 127 13.93 16.96 -24.18
CA TYR B 127 12.93 16.95 -23.09
C TYR B 127 13.48 17.87 -22.00
N THR B 128 12.61 18.49 -21.19
CA THR B 128 13.04 19.35 -20.08
C THR B 128 12.29 18.92 -18.83
N TRP B 129 13.06 18.59 -17.80
CA TRP B 129 12.53 18.20 -16.48
C TRP B 129 12.92 19.34 -15.54
N ARG B 130 11.98 19.78 -14.74
CA ARG B 130 12.24 20.80 -13.69
C ARG B 130 11.91 20.13 -12.36
N THR B 131 12.44 20.73 -11.31
CA THR B 131 12.20 20.29 -9.93
C THR B 131 12.03 21.56 -9.12
N HIS B 132 11.30 21.46 -8.02
CA HIS B 132 11.17 22.59 -7.07
C HIS B 132 11.37 22.12 -5.63
N ALA B 133 11.85 23.04 -4.79
CA ALA B 133 11.91 22.90 -3.32
C ALA B 133 10.49 23.09 -2.78
N PRO B 134 10.24 22.56 -1.60
CA PRO B 134 8.96 22.80 -0.94
C PRO B 134 8.95 24.21 -0.38
N GLY B 135 7.78 24.68 -0.01
CA GLY B 135 7.59 25.97 0.66
C GLY B 135 6.14 26.32 0.75
N ARG B 136 5.83 27.26 1.65
CA ARG B 136 4.48 27.79 1.89
C ARG B 136 4.05 28.54 0.62
N ARG B 137 2.82 28.34 0.18
CA ARG B 137 2.18 29.20 -0.85
C ARG B 137 1.71 30.50 -0.20
N SER B 138 1.23 31.44 -1.02
CA SER B 138 0.63 32.71 -0.56
C SER B 138 -0.51 32.47 0.42
N ASP B 139 -1.30 31.43 0.18
CA ASP B 139 -2.50 31.15 1.01
C ASP B 139 -2.12 30.38 2.28
N GLY B 140 -0.84 30.11 2.56
CA GLY B 140 -0.41 29.40 3.79
C GLY B 140 -0.36 27.88 3.68
N THR B 141 -0.85 27.29 2.59
CA THR B 141 -0.70 25.83 2.36
C THR B 141 0.75 25.52 2.00
N TRP B 142 1.17 24.29 2.29
CA TRP B 142 2.53 23.80 2.04
C TRP B 142 2.61 23.14 0.66
N ARG B 143 3.50 23.63 -0.18
CA ARG B 143 3.74 23.01 -1.51
C ARG B 143 4.80 21.92 -1.33
N ALA B 144 4.45 20.67 -1.66
CA ALA B 144 5.38 19.55 -1.61
C ALA B 144 6.44 19.77 -2.69
N GLY B 145 7.66 19.49 -2.30
CA GLY B 145 8.82 19.47 -3.20
C GLY B 145 8.77 18.33 -4.19
N SER B 146 9.70 18.38 -5.15
CA SER B 146 9.95 17.31 -6.13
C SER B 146 10.66 16.11 -5.48
N ALA B 147 11.34 16.27 -4.34
CA ALA B 147 12.24 15.20 -3.83
C ALA B 147 11.53 13.85 -3.75
N GLY B 148 12.24 12.82 -4.15
CA GLY B 148 11.77 11.43 -3.95
C GLY B 148 12.41 10.47 -4.89
N TYR B 149 11.97 9.22 -4.77
CA TYR B 149 12.42 8.14 -5.64
C TYR B 149 11.43 8.04 -6.80
N TRP B 150 11.96 8.33 -7.98
CA TRP B 150 11.16 8.43 -9.21
C TRP B 150 11.78 7.58 -10.32
N HIS B 151 11.21 7.67 -11.51
CA HIS B 151 11.58 6.79 -12.64
C HIS B 151 11.06 7.39 -13.94
N TYR B 152 11.76 7.06 -15.04
CA TYR B 152 11.40 7.45 -16.41
C TYR B 152 11.20 6.15 -17.20
N HIS B 153 10.36 6.19 -18.21
CA HIS B 153 10.14 5.03 -19.10
C HIS B 153 9.54 5.48 -20.42
N ASP B 154 9.51 4.56 -21.37
CA ASP B 154 8.93 4.81 -22.71
C ASP B 154 7.41 4.77 -22.58
N HIS B 155 6.70 5.57 -23.40
CA HIS B 155 5.21 5.68 -23.40
C HIS B 155 4.61 5.35 -24.78
N VAL B 156 5.39 4.95 -25.80
CA VAL B 156 4.80 4.75 -27.17
C VAL B 156 5.26 3.46 -27.88
N VAL B 157 6.19 2.66 -27.35
CA VAL B 157 6.62 1.41 -28.04
C VAL B 157 5.59 0.31 -27.73
N GLY B 158 5.07 -0.36 -28.77
CA GLY B 158 4.11 -1.48 -28.66
C GLY B 158 2.69 -0.95 -28.49
N THR B 159 2.45 -0.09 -27.50
CA THR B 159 1.15 0.57 -27.27
C THR B 159 1.37 2.04 -26.89
N GLU B 160 0.31 2.82 -26.92
CA GLU B 160 0.28 4.26 -26.50
C GLU B 160 0.50 4.39 -24.97
N HIS B 161 0.76 3.28 -24.27
CA HIS B 161 1.19 3.29 -22.84
C HIS B 161 2.57 2.66 -22.66
N GLY B 162 3.29 2.37 -23.75
CA GLY B 162 4.69 1.94 -23.71
C GLY B 162 4.82 0.51 -23.27
N THR B 163 3.74 -0.28 -23.40
CA THR B 163 3.72 -1.67 -22.90
C THR B 163 4.90 -2.46 -23.46
N GLY B 164 5.16 -2.37 -24.77
CA GLY B 164 6.29 -3.03 -25.43
C GLY B 164 7.63 -2.51 -24.95
N GLY B 165 7.78 -1.19 -24.90
CA GLY B 165 9.03 -0.52 -24.53
C GLY B 165 9.40 -0.87 -23.10
N ILE B 166 8.41 -0.82 -22.19
CA ILE B 166 8.62 -1.17 -20.77
C ILE B 166 9.04 -2.64 -20.66
N ARG B 167 8.29 -3.55 -21.29
CA ARG B 167 8.58 -5.02 -21.32
C ARG B 167 10.06 -5.24 -21.75
N LYS B 168 10.47 -4.54 -22.79
CA LYS B 168 11.75 -4.81 -23.46
C LYS B 168 12.88 -4.10 -22.73
N GLY B 169 12.58 -3.15 -21.82
CA GLY B 169 13.63 -2.60 -20.94
C GLY B 169 13.81 -1.09 -20.94
N LEU B 170 12.93 -0.31 -21.55
CA LEU B 170 13.02 1.18 -21.57
C LEU B 170 12.47 1.74 -20.26
N TYR B 171 13.26 1.60 -19.20
CA TYR B 171 12.99 2.12 -17.86
C TYR B 171 14.30 2.42 -17.14
N GLY B 172 14.29 3.46 -16.33
CA GLY B 172 15.42 3.77 -15.46
C GLY B 172 14.99 4.59 -14.25
N PRO B 173 15.90 4.72 -13.27
CA PRO B 173 15.63 5.47 -12.06
C PRO B 173 15.99 6.97 -12.11
N VAL B 174 15.27 7.73 -11.30
CA VAL B 174 15.55 9.16 -11.04
C VAL B 174 15.45 9.40 -9.56
N ILE B 175 16.46 10.03 -8.99
CA ILE B 175 16.43 10.44 -7.58
C ILE B 175 16.47 11.97 -7.57
N VAL B 176 15.55 12.59 -6.85
CA VAL B 176 15.59 14.05 -6.57
C VAL B 176 15.83 14.18 -5.07
N ARG B 177 16.89 14.87 -4.71
CA ARG B 177 17.35 15.03 -3.33
C ARG B 177 16.88 16.39 -2.82
N ARG B 178 16.57 16.46 -1.53
CA ARG B 178 16.33 17.72 -0.82
C ARG B 178 17.65 18.17 -0.20
N LYS B 179 17.83 19.48 -0.06
CA LYS B 179 18.95 20.06 0.71
C LYS B 179 19.02 19.39 2.09
N GLY B 180 20.22 18.93 2.46
CA GLY B 180 20.48 18.30 3.77
C GLY B 180 20.18 16.82 3.77
N ASP B 181 19.75 16.23 2.64
CA ASP B 181 19.52 14.76 2.56
C ASP B 181 20.84 14.02 2.77
N VAL B 182 20.81 12.94 3.53
CA VAL B 182 22.01 12.07 3.71
C VAL B 182 22.29 11.41 2.36
N LEU B 183 23.56 11.48 1.91
CA LEU B 183 24.03 10.87 0.64
C LEU B 183 24.65 9.50 0.92
N PRO B 184 24.48 8.50 0.02
CA PRO B 184 24.99 7.16 0.28
C PRO B 184 26.39 6.93 -0.28
N ASP B 185 27.02 5.82 0.11
CA ASP B 185 28.28 5.30 -0.47
C ASP B 185 28.00 4.67 -1.85
N ALA B 186 26.81 4.14 -2.08
CA ALA B 186 26.45 3.48 -3.36
C ALA B 186 24.93 3.46 -3.45
N THR B 187 24.44 3.34 -4.68
CA THR B 187 23.01 3.28 -5.04
C THR B 187 22.85 2.08 -5.97
N HIS B 188 21.91 1.19 -5.64
CA HIS B 188 21.54 0.03 -6.49
C HIS B 188 20.07 0.13 -6.88
N THR B 189 19.75 -0.20 -8.12
CA THR B 189 18.38 -0.12 -8.66
C THR B 189 17.87 -1.54 -8.90
N ILE B 190 16.71 -1.88 -8.31
CA ILE B 190 16.05 -3.20 -8.45
C ILE B 190 14.67 -2.93 -9.08
N VAL B 191 14.42 -3.50 -10.25
CA VAL B 191 13.15 -3.29 -11.01
C VAL B 191 12.46 -4.65 -11.15
N PHE B 192 11.27 -4.79 -10.55
CA PHE B 192 10.38 -5.95 -10.80
C PHE B 192 9.58 -5.61 -12.07
N ASN B 193 10.00 -6.16 -13.20
CA ASN B 193 9.36 -5.91 -14.51
C ASN B 193 8.64 -7.21 -14.87
N ASP B 194 7.31 -7.26 -14.73
CA ASP B 194 6.52 -8.53 -14.83
C ASP B 194 7.18 -9.51 -13.86
N MET B 195 7.58 -10.68 -14.34
CA MET B 195 8.22 -11.71 -13.48
C MET B 195 9.74 -11.58 -13.46
N LEU B 196 10.33 -10.61 -14.19
CA LEU B 196 11.81 -10.46 -14.26
C LEU B 196 12.28 -9.47 -13.19
N ILE B 197 13.57 -9.57 -12.84
CA ILE B 197 14.29 -8.52 -12.06
C ILE B 197 15.32 -7.89 -12.98
N ASN B 198 15.18 -6.60 -13.34
CA ASN B 198 16.14 -5.90 -14.25
C ASN B 198 16.27 -6.63 -15.60
N ASN B 199 15.21 -7.31 -16.03
CA ASN B 199 15.12 -8.01 -17.35
C ASN B 199 16.17 -9.14 -17.43
N ARG B 200 16.59 -9.68 -16.31
CA ARG B 200 17.57 -10.81 -16.30
C ARG B 200 16.82 -12.14 -16.35
N PRO B 201 17.36 -13.17 -17.04
CA PRO B 201 16.77 -14.52 -16.99
C PRO B 201 16.76 -15.15 -15.57
N ALA B 202 15.87 -16.13 -15.35
CA ALA B 202 15.68 -16.82 -14.05
C ALA B 202 17.00 -17.46 -13.59
N PRO B 206 20.14 -10.17 -9.86
CA PRO B 206 21.41 -9.44 -9.66
C PRO B 206 21.83 -9.35 -8.19
N ASN B 207 23.14 -9.42 -7.98
CA ASN B 207 23.75 -9.35 -6.64
C ASN B 207 24.41 -7.97 -6.52
N PHE B 208 24.53 -7.48 -5.31
CA PHE B 208 25.11 -6.15 -5.01
C PHE B 208 26.02 -6.32 -3.82
N GLU B 209 27.26 -5.84 -3.95
CA GLU B 209 28.31 -5.99 -2.91
C GLU B 209 28.39 -4.70 -2.11
N ALA B 210 28.73 -4.86 -0.84
CA ALA B 210 29.01 -3.76 0.10
C ALA B 210 29.92 -4.28 1.19
N THR B 211 30.48 -3.37 1.98
CA THR B 211 31.22 -3.65 3.23
C THR B 211 30.35 -3.28 4.43
N VAL B 212 30.40 -4.07 5.50
CA VAL B 212 29.72 -3.76 6.81
C VAL B 212 29.94 -2.28 7.09
N GLY B 213 28.87 -1.57 7.41
CA GLY B 213 28.89 -0.15 7.80
C GLY B 213 28.70 0.79 6.62
N ASP B 214 28.69 0.30 5.39
CA ASP B 214 28.46 1.16 4.22
C ASP B 214 27.04 1.72 4.32
N ARG B 215 26.82 2.96 3.86
CA ARG B 215 25.46 3.52 3.62
C ARG B 215 25.05 3.18 2.19
N VAL B 216 24.13 2.24 2.03
CA VAL B 216 23.74 1.68 0.72
C VAL B 216 22.31 2.15 0.42
N GLU B 217 22.11 2.72 -0.74
CA GLU B 217 20.78 3.18 -1.16
C GLU B 217 20.21 2.19 -2.18
N PHE B 218 18.94 1.82 -1.99
CA PHE B 218 18.19 1.01 -2.96
C PHE B 218 17.04 1.85 -3.52
N VAL B 219 16.88 1.74 -4.84
CA VAL B 219 15.76 2.36 -5.62
C VAL B 219 14.97 1.18 -6.16
N MET B 220 13.67 1.10 -5.84
CA MET B 220 12.84 -0.10 -6.09
C MET B 220 11.68 0.36 -7.00
N ILE B 221 11.65 -0.11 -8.24
CA ILE B 221 10.67 0.32 -9.29
C ILE B 221 9.97 -0.97 -9.69
N THR B 222 8.68 -0.88 -10.01
CA THR B 222 7.87 -2.03 -10.46
C THR B 222 7.24 -1.62 -11.77
N HIS B 223 7.12 -2.57 -12.71
CA HIS B 223 6.49 -2.30 -14.02
C HIS B 223 5.75 -3.53 -14.49
N GLY B 224 4.83 -3.35 -15.43
CA GLY B 224 4.20 -4.46 -16.14
C GLY B 224 2.81 -4.78 -15.62
N GLU B 225 2.56 -6.06 -15.36
CA GLU B 225 1.18 -6.63 -15.25
C GLU B 225 0.88 -6.98 -13.80
N TYR B 226 1.90 -7.28 -12.99
CA TYR B 226 1.72 -7.99 -11.70
C TYR B 226 2.00 -7.09 -10.50
N TYR B 227 1.28 -7.33 -9.42
CA TYR B 227 1.71 -6.86 -8.09
C TYR B 227 2.85 -7.79 -7.64
N HIS B 228 3.71 -7.24 -6.78
CA HIS B 228 4.79 -7.97 -6.08
C HIS B 228 4.88 -7.53 -4.61
N THR B 229 5.65 -8.27 -3.83
CA THR B 229 6.11 -7.84 -2.49
C THR B 229 7.63 -7.93 -2.44
N PHE B 230 8.27 -6.77 -2.31
CA PHE B 230 9.72 -6.61 -2.16
C PHE B 230 10.13 -6.88 -0.70
N HIS B 231 11.02 -7.86 -0.50
CA HIS B 231 11.56 -8.23 0.83
C HIS B 231 13.07 -8.22 0.77
N MET B 232 13.68 -7.70 1.83
CA MET B 232 15.14 -7.79 2.04
C MET B 232 15.40 -8.42 3.43
N HIS B 233 16.13 -9.53 3.49
CA HIS B 233 16.61 -10.15 4.74
C HIS B 233 17.64 -9.25 5.45
N GLY B 234 17.55 -9.19 6.77
CA GLY B 234 18.60 -8.65 7.65
C GLY B 234 18.53 -7.14 7.77
N HIS B 235 17.65 -6.51 7.02
CA HIS B 235 17.58 -5.03 6.90
C HIS B 235 16.12 -4.56 6.86
N ARG B 236 15.91 -3.29 7.22
CA ARG B 236 14.56 -2.72 7.27
C ARG B 236 14.70 -1.22 7.00
N TRP B 237 13.57 -0.58 6.73
CA TRP B 237 13.53 0.86 6.35
C TRP B 237 12.19 1.47 6.73
N ALA B 238 12.10 2.80 6.63
CA ALA B 238 10.88 3.55 7.00
C ALA B 238 10.01 3.69 5.77
N ASP B 239 8.71 3.52 5.94
CA ASP B 239 7.76 3.68 4.82
C ASP B 239 7.45 5.17 4.65
N ASN B 240 8.42 5.92 4.16
CA ASN B 240 8.26 7.39 4.02
C ASN B 240 9.09 7.87 2.83
N ARG B 241 9.22 9.19 2.64
CA ARG B 241 9.88 9.75 1.45
C ARG B 241 11.26 9.18 1.28
N THR B 242 12.11 9.24 2.31
CA THR B 242 13.56 8.96 2.18
C THR B 242 13.83 7.50 2.54
N GLY B 243 12.88 6.80 3.14
CA GLY B 243 13.14 5.43 3.65
C GLY B 243 13.84 5.49 4.98
N MET B 244 14.05 6.67 5.56
CA MET B 244 14.72 6.78 6.88
C MET B 244 13.84 7.67 7.77
N LEU B 245 13.75 7.37 9.05
CA LEU B 245 12.93 8.18 9.96
C LEU B 245 13.59 9.53 10.16
N THR B 246 12.80 10.60 10.09
CA THR B 246 13.31 11.99 10.24
C THR B 246 13.90 12.18 11.64
N GLY B 247 13.53 11.32 12.60
CA GLY B 247 13.83 11.41 14.05
C GLY B 247 12.70 10.82 14.90
N PRO B 248 12.69 11.09 16.23
CA PRO B 248 11.69 10.48 17.12
C PRO B 248 10.23 10.87 16.95
N ASP B 249 9.92 11.96 16.27
CA ASP B 249 8.51 12.36 16.01
C ASP B 249 7.96 11.62 14.77
N ASP B 250 8.74 10.82 14.04
CA ASP B 250 8.28 10.28 12.72
C ASP B 250 7.57 8.94 12.97
N PRO B 251 6.23 8.88 12.80
CA PRO B 251 5.43 7.70 13.10
C PRO B 251 5.35 6.64 11.99
N SER B 252 6.19 6.81 10.97
CA SER B 252 6.14 5.97 9.76
C SER B 252 6.33 4.52 10.17
N GLN B 253 5.63 3.59 9.55
CA GLN B 253 5.87 2.17 9.85
C GLN B 253 7.31 1.81 9.41
N VAL B 254 8.01 1.02 10.23
CA VAL B 254 9.27 0.39 9.81
C VAL B 254 8.95 -1.00 9.30
N VAL B 255 9.49 -1.32 8.13
CA VAL B 255 9.05 -2.48 7.31
C VAL B 255 10.27 -3.18 6.75
N ASP B 256 10.12 -4.45 6.40
CA ASP B 256 11.13 -5.11 5.51
C ASP B 256 10.46 -5.76 4.30
N ASN B 257 9.17 -5.51 4.14
CA ASN B 257 8.32 -6.13 3.10
C ASN B 257 7.34 -5.05 2.63
N LYS B 258 7.16 -4.91 1.33
CA LYS B 258 6.33 -3.82 0.75
C LYS B 258 5.62 -4.32 -0.50
N ILE B 259 4.29 -4.21 -0.48
CA ILE B 259 3.49 -4.41 -1.73
C ILE B 259 3.72 -3.25 -2.71
N VAL B 260 3.96 -3.61 -3.99
CA VAL B 260 4.25 -2.67 -5.11
C VAL B 260 3.49 -3.14 -6.36
N GLY B 261 2.98 -2.18 -7.11
CA GLY B 261 2.35 -2.41 -8.40
C GLY B 261 3.08 -1.67 -9.53
N PRO B 262 2.63 -1.91 -10.77
CA PRO B 262 3.24 -1.27 -11.91
C PRO B 262 3.28 0.27 -11.79
N ALA B 263 4.48 0.79 -12.00
CA ALA B 263 4.88 2.21 -11.94
C ALA B 263 5.07 2.70 -10.49
N ASP B 264 5.05 1.83 -9.49
CA ASP B 264 5.39 2.23 -8.09
C ASP B 264 6.90 2.51 -8.07
N SER B 265 7.34 3.51 -7.31
CA SER B 265 8.77 3.72 -7.00
C SER B 265 8.89 4.16 -5.56
N PHE B 266 9.81 3.50 -4.86
CA PHE B 266 10.25 3.91 -3.52
C PHE B 266 11.75 3.65 -3.41
N GLY B 267 12.33 4.14 -2.33
CA GLY B 267 13.73 3.87 -2.05
C GLY B 267 14.03 4.12 -0.62
N PHE B 268 15.27 3.80 -0.22
CA PHE B 268 15.67 3.77 1.19
C PHE B 268 17.19 3.59 1.23
N GLN B 269 17.74 3.90 2.40
CA GLN B 269 19.16 3.64 2.72
C GLN B 269 19.22 2.76 3.96
N VAL B 270 20.13 1.83 3.98
CA VAL B 270 20.44 0.97 5.15
C VAL B 270 21.91 1.15 5.47
N ILE B 271 22.30 0.91 6.73
CA ILE B 271 23.74 0.66 7.07
C ILE B 271 23.95 -0.84 6.90
N ALA B 272 24.76 -1.28 5.93
CA ALA B 272 24.96 -2.68 5.54
C ALA B 272 25.43 -3.47 6.75
N GLY B 273 24.66 -4.49 7.11
CA GLY B 273 24.92 -5.39 8.24
C GLY B 273 24.68 -4.80 9.60
N GLU B 274 24.00 -3.65 9.73
CA GLU B 274 23.79 -2.96 11.02
C GLU B 274 23.02 -3.88 11.98
N GLY B 275 23.68 -4.31 13.06
CA GLY B 275 23.10 -5.12 14.13
C GLY B 275 22.85 -6.57 13.70
N VAL B 276 23.33 -6.97 12.53
CA VAL B 276 23.08 -8.31 11.97
C VAL B 276 24.38 -8.92 11.43
N GLY B 277 25.36 -8.10 11.04
CA GLY B 277 26.70 -8.54 10.63
C GLY B 277 26.83 -8.80 9.15
N ALA B 278 28.02 -9.21 8.73
CA ALA B 278 28.33 -9.62 7.34
C ALA B 278 27.52 -10.88 6.96
N GLY B 279 27.27 -11.06 5.66
CA GLY B 279 26.52 -12.22 5.16
C GLY B 279 25.94 -12.03 3.77
N ALA B 280 25.49 -13.14 3.19
CA ALA B 280 24.68 -13.17 1.96
C ALA B 280 23.22 -12.91 2.38
N TRP B 281 22.78 -11.68 2.17
CA TRP B 281 21.45 -11.19 2.61
C TRP B 281 20.54 -11.17 1.40
N MET B 282 19.62 -12.12 1.29
CA MET B 282 18.80 -12.21 0.07
C MET B 282 17.73 -11.10 0.08
N TYR B 283 17.40 -10.59 -1.10
CA TYR B 283 16.21 -9.78 -1.40
C TYR B 283 15.42 -10.58 -2.43
N HIS B 284 14.11 -10.60 -2.32
CA HIS B 284 13.30 -11.42 -3.25
C HIS B 284 11.89 -10.87 -3.20
N CYS B 285 11.14 -11.14 -4.26
CA CYS B 285 9.69 -11.00 -4.21
C CYS B 285 9.16 -12.06 -3.24
N HIS B 286 8.22 -11.70 -2.36
CA HIS B 286 7.72 -12.63 -1.33
C HIS B 286 6.42 -13.31 -1.79
N VAL B 287 5.92 -12.99 -2.98
CA VAL B 287 4.82 -13.79 -3.60
C VAL B 287 5.39 -15.20 -3.86
N GLN B 288 4.78 -16.24 -3.27
CA GLN B 288 5.44 -17.58 -3.18
C GLN B 288 5.79 -18.10 -4.59
N SER B 289 4.90 -18.05 -5.59
CA SER B 289 5.22 -18.55 -6.95
C SER B 289 6.36 -17.74 -7.58
N HIS B 290 6.46 -16.43 -7.30
CA HIS B 290 7.51 -15.55 -7.87
C HIS B 290 8.87 -15.97 -7.28
N SER B 291 8.96 -16.08 -5.97
CA SER B 291 10.22 -16.44 -5.25
C SER B 291 10.68 -17.87 -5.62
N ASP B 292 9.76 -18.74 -6.00
CA ASP B 292 10.05 -20.17 -6.32
C ASP B 292 10.49 -20.30 -7.79
N MET B 293 10.41 -19.22 -8.57
CA MET B 293 10.84 -19.17 -10.00
C MET B 293 12.36 -19.03 -10.07
N GLY B 294 13.01 -18.72 -8.94
CA GLY B 294 14.48 -18.64 -8.82
C GLY B 294 15.05 -17.23 -8.97
N TYR B 295 14.20 -16.20 -9.17
CA TYR B 295 14.63 -14.77 -9.23
C TYR B 295 14.88 -14.28 -7.80
N VAL B 296 16.09 -14.56 -7.32
CA VAL B 296 16.54 -14.28 -5.92
C VAL B 296 17.98 -13.72 -5.99
N GLY B 297 18.12 -12.42 -5.77
CA GLY B 297 19.42 -11.73 -5.69
C GLY B 297 19.98 -11.72 -4.27
N LEU B 298 21.25 -11.39 -4.16
CA LEU B 298 21.92 -11.31 -2.84
C LEU B 298 22.48 -9.89 -2.65
N PHE B 299 22.27 -9.36 -1.46
CA PHE B 299 22.98 -8.20 -0.89
C PHE B 299 24.19 -8.78 -0.14
N LEU B 300 25.34 -8.87 -0.81
CA LEU B 300 26.61 -9.46 -0.29
C LEU B 300 27.33 -8.43 0.58
N VAL B 301 27.18 -8.54 1.89
CA VAL B 301 27.79 -7.64 2.89
C VAL B 301 29.05 -8.33 3.43
N LYS B 302 30.20 -7.84 3.02
CA LYS B 302 31.54 -8.39 3.39
C LYS B 302 32.02 -7.78 4.70
N LYS B 303 32.78 -8.54 5.49
CA LYS B 303 33.60 -7.98 6.59
C LYS B 303 34.63 -7.00 5.99
N THR B 304 35.22 -6.13 6.81
CA THR B 304 36.24 -5.15 6.36
C THR B 304 37.47 -5.90 5.81
N ASP B 305 37.72 -7.12 6.30
CA ASP B 305 38.80 -8.02 5.80
C ASP B 305 38.45 -8.53 4.40
N GLY B 306 37.17 -8.56 4.03
CA GLY B 306 36.72 -8.94 2.67
C GLY B 306 36.04 -10.29 2.66
N THR B 307 35.96 -10.99 3.79
CA THR B 307 35.28 -12.32 3.90
C THR B 307 33.76 -12.14 4.11
N ILE B 308 33.02 -13.20 3.80
CA ILE B 308 31.56 -13.36 4.08
C ILE B 308 31.37 -14.76 4.68
N PRO B 309 30.61 -14.92 5.78
CA PRO B 309 30.22 -16.25 6.25
C PRO B 309 29.78 -17.16 5.10
N GLY B 310 30.19 -18.43 5.14
CA GLY B 310 30.04 -19.36 4.00
C GLY B 310 28.58 -19.51 3.61
N TYR B 311 28.28 -19.39 2.31
CA TYR B 311 26.92 -19.58 1.72
C TYR B 311 27.03 -20.39 0.42
N GLU C 44 15.42 -9.02 29.59
CA GLU C 44 16.47 -8.62 28.60
C GLU C 44 16.86 -9.85 27.75
N VAL C 45 17.63 -10.82 28.29
CA VAL C 45 17.96 -12.07 27.55
C VAL C 45 16.94 -13.14 27.94
N ARG C 46 16.22 -13.66 26.95
CA ARG C 46 15.04 -14.53 27.15
C ARG C 46 15.23 -15.80 26.32
N ARG C 47 14.61 -16.89 26.78
CA ARG C 47 14.63 -18.19 26.07
C ARG C 47 13.20 -18.73 26.03
N ILE C 48 12.81 -19.29 24.89
CA ILE C 48 11.56 -20.09 24.77
C ILE C 48 11.93 -21.37 24.03
N LYS C 49 11.08 -22.38 24.14
CA LYS C 49 11.12 -23.59 23.29
C LYS C 49 10.05 -23.43 22.19
N LEU C 50 10.41 -23.77 20.96
CA LEU C 50 9.41 -23.83 19.86
C LEU C 50 9.53 -25.18 19.16
N TYR C 51 8.41 -25.75 18.76
CA TYR C 51 8.33 -27.03 18.03
C TYR C 51 7.50 -26.84 16.77
N ALA C 52 8.00 -27.32 15.64
CA ALA C 52 7.20 -27.56 14.42
C ALA C 52 6.62 -28.97 14.52
N GLU C 53 5.30 -29.11 14.30
CA GLU C 53 4.59 -30.40 14.40
C GLU C 53 3.69 -30.54 13.18
N ARG C 54 3.64 -31.73 12.60
CA ARG C 54 2.55 -32.11 11.68
C ARG C 54 1.30 -32.26 12.57
N LEU C 55 0.21 -31.57 12.26
CA LEU C 55 -1.08 -31.69 12.97
C LEU C 55 -1.84 -32.92 12.47
N ALA C 56 -2.72 -33.48 13.31
CA ALA C 56 -3.61 -34.62 12.96
C ALA C 56 -4.13 -34.46 11.53
N ASP C 57 -4.52 -33.24 11.12
CA ASP C 57 -5.28 -32.97 9.87
C ASP C 57 -4.36 -32.82 8.66
N GLY C 58 -3.03 -32.91 8.85
CA GLY C 58 -2.02 -32.76 7.78
C GLY C 58 -1.51 -31.32 7.64
N GLN C 59 -1.99 -30.44 8.50
CA GLN C 59 -1.48 -29.05 8.54
C GLN C 59 -0.16 -29.14 9.32
N MET C 60 0.55 -28.03 9.45
CA MET C 60 1.84 -27.96 10.17
C MET C 60 1.81 -26.69 10.99
N GLY C 61 2.20 -26.79 12.25
CA GLY C 61 2.14 -25.64 13.15
C GLY C 61 3.33 -25.54 14.06
N TYR C 62 3.57 -24.33 14.55
CA TYR C 62 4.51 -24.07 15.66
C TYR C 62 3.74 -24.14 17.00
N GLY C 63 4.39 -24.70 18.02
CA GLY C 63 3.86 -24.73 19.40
C GLY C 63 4.95 -24.46 20.43
N LEU C 64 4.56 -23.94 21.60
CA LEU C 64 5.46 -23.71 22.76
C LEU C 64 5.73 -25.05 23.46
N GLU C 65 4.88 -26.05 23.24
CA GLU C 65 5.03 -27.42 23.80
C GLU C 65 4.63 -28.44 22.74
N LYS C 66 5.17 -29.65 22.85
CA LYS C 66 4.79 -30.82 22.04
C LYS C 66 3.28 -31.04 22.14
N GLY C 67 2.66 -31.36 21.00
CA GLY C 67 1.21 -31.50 20.77
C GLY C 67 0.40 -30.28 21.17
N ARG C 68 0.98 -29.07 21.17
CA ARG C 68 0.23 -27.82 21.48
C ARG C 68 0.40 -26.81 20.34
N ALA C 69 0.81 -27.27 19.15
CA ALA C 69 0.99 -26.39 17.96
C ALA C 69 -0.35 -25.76 17.59
N THR C 70 -0.31 -24.49 17.22
CA THR C 70 -1.48 -23.72 16.74
C THR C 70 -1.13 -23.10 15.37
N ILE C 71 -2.17 -22.74 14.62
CA ILE C 71 -2.10 -21.91 13.39
C ILE C 71 -3.09 -20.77 13.61
N PRO C 72 -2.63 -19.49 13.63
CA PRO C 72 -1.21 -19.19 13.61
C PRO C 72 -0.48 -19.75 14.84
N GLY C 73 0.85 -19.76 14.74
CA GLY C 73 1.77 -20.06 15.84
C GLY C 73 1.61 -19.10 17.01
N PRO C 74 2.25 -19.43 18.15
CA PRO C 74 2.18 -18.62 19.35
C PRO C 74 2.67 -17.17 19.13
N LEU C 75 2.04 -16.25 19.82
CA LEU C 75 2.46 -14.83 19.77
C LEU C 75 3.78 -14.67 20.52
N ILE C 76 4.83 -14.21 19.85
CA ILE C 76 6.10 -13.78 20.52
C ILE C 76 6.10 -12.25 20.70
N GLU C 77 6.27 -11.77 21.94
CA GLU C 77 6.25 -10.33 22.29
C GLU C 77 7.57 -9.97 22.98
N LEU C 78 8.23 -8.92 22.52
CA LEU C 78 9.56 -8.46 23.03
C LEU C 78 9.53 -6.95 23.16
N ASN C 79 10.35 -6.45 24.07
CA ASN C 79 10.66 -5.02 24.20
C ASN C 79 11.94 -4.71 23.44
N GLU C 80 11.98 -3.54 22.80
CA GLU C 80 13.22 -3.11 22.09
C GLU C 80 14.39 -3.26 23.07
N GLY C 81 15.49 -3.84 22.61
CA GLY C 81 16.66 -4.17 23.47
C GLY C 81 16.68 -5.63 23.86
N ASP C 82 15.52 -6.29 23.94
CA ASP C 82 15.42 -7.71 24.36
C ASP C 82 16.14 -8.61 23.37
N THR C 83 16.78 -9.69 23.87
CA THR C 83 17.31 -10.81 23.05
C THR C 83 16.47 -12.04 23.37
N LEU C 84 16.09 -12.79 22.35
CA LEU C 84 15.30 -14.03 22.53
C LEU C 84 16.06 -15.17 21.84
N HIS C 85 16.34 -16.21 22.61
CA HIS C 85 16.89 -17.50 22.15
C HIS C 85 15.72 -18.48 22.04
N ILE C 86 15.46 -18.92 20.83
CA ILE C 86 14.39 -19.90 20.47
C ILE C 86 15.06 -21.25 20.29
N GLU C 87 14.86 -22.12 21.28
CA GLU C 87 15.30 -23.53 21.22
C GLU C 87 14.26 -24.27 20.41
N PHE C 88 14.54 -24.40 19.13
CA PHE C 88 13.61 -24.93 18.10
C PHE C 88 13.87 -26.42 17.93
N GLU C 89 12.81 -27.21 17.80
CA GLU C 89 12.88 -28.67 17.51
C GLU C 89 11.88 -28.93 16.38
N ASN C 90 12.38 -29.36 15.23
CA ASN C 90 11.57 -29.87 14.11
C ASN C 90 11.20 -31.32 14.41
N THR C 91 10.00 -31.59 14.91
CA THR C 91 9.51 -32.96 15.20
C THR C 91 9.05 -33.67 13.92
N MET C 92 9.11 -33.04 12.75
CA MET C 92 8.51 -33.59 11.49
C MET C 92 9.56 -34.41 10.74
N ASP C 93 9.12 -35.15 9.72
CA ASP C 93 9.91 -36.11 8.90
C ASP C 93 10.42 -35.39 7.65
N VAL C 94 10.27 -34.05 7.60
CA VAL C 94 10.83 -33.19 6.54
C VAL C 94 11.58 -32.02 7.20
N ARG C 95 12.55 -31.49 6.48
CA ARG C 95 13.35 -30.31 6.89
C ARG C 95 12.35 -29.16 7.07
N ALA C 96 12.58 -28.29 8.06
CA ALA C 96 11.74 -27.13 8.41
C ALA C 96 12.63 -26.05 9.01
N SER C 97 12.27 -24.78 8.92
CA SER C 97 13.07 -23.68 9.50
C SER C 97 12.19 -22.69 10.28
N LEU C 98 12.85 -21.69 10.87
CA LEU C 98 12.24 -20.54 11.52
C LEU C 98 12.94 -19.31 10.95
N HIS C 99 12.15 -18.44 10.31
CA HIS C 99 12.65 -17.18 9.71
C HIS C 99 11.78 -16.06 10.25
N VAL C 100 12.39 -14.93 10.57
CA VAL C 100 11.67 -13.82 11.21
C VAL C 100 11.84 -12.58 10.34
N HIS C 101 10.77 -11.80 10.23
CA HIS C 101 10.86 -10.45 9.61
C HIS C 101 11.24 -9.41 10.67
N GLY C 102 11.94 -8.35 10.26
CA GLY C 102 12.06 -7.08 10.99
C GLY C 102 13.08 -7.09 12.12
N LEU C 103 13.25 -8.23 12.81
CA LEU C 103 14.13 -8.29 14.02
C LEU C 103 15.59 -8.44 13.54
N ASP C 104 16.55 -8.16 14.43
CA ASP C 104 18.00 -8.28 14.13
C ASP C 104 18.38 -9.75 14.32
N TYR C 105 18.98 -10.39 13.32
CA TYR C 105 19.44 -11.79 13.42
C TYR C 105 20.65 -11.90 12.50
N GLU C 106 21.60 -12.78 12.84
CA GLU C 106 22.79 -13.05 11.99
C GLU C 106 22.40 -14.10 10.95
N VAL C 107 23.23 -14.31 9.94
CA VAL C 107 22.92 -15.26 8.82
C VAL C 107 22.73 -16.67 9.38
N SER C 108 23.39 -16.99 10.49
CA SER C 108 23.26 -18.29 11.19
C SER C 108 21.85 -18.48 11.78
N SER C 109 21.02 -17.42 11.86
CA SER C 109 19.58 -17.53 12.24
C SER C 109 18.67 -17.09 11.07
N ASP C 110 19.18 -17.08 9.85
CA ASP C 110 18.42 -16.75 8.61
C ASP C 110 17.28 -17.79 8.45
N GLY C 111 17.50 -19.05 8.84
CA GLY C 111 16.49 -20.13 8.65
C GLY C 111 16.32 -20.48 7.19
N THR C 112 17.39 -20.34 6.42
CA THR C 112 17.45 -20.61 4.97
C THR C 112 18.50 -21.69 4.68
N THR C 113 18.33 -22.38 3.57
CA THR C 113 19.33 -23.29 2.98
C THR C 113 20.61 -22.51 2.67
N LEU C 114 20.49 -21.37 1.99
CA LEU C 114 21.63 -20.49 1.60
C LEU C 114 22.56 -20.30 2.80
N ASN C 115 22.00 -20.08 3.99
CA ASN C 115 22.81 -19.76 5.18
C ASN C 115 22.81 -20.94 6.16
N LYS C 116 22.56 -22.15 5.67
CA LYS C 116 22.77 -23.43 6.39
C LYS C 116 22.12 -23.35 7.78
N SER C 117 20.89 -22.85 7.83
CA SER C 117 20.19 -22.57 9.11
C SER C 117 18.77 -23.10 9.07
N ASP C 118 18.48 -24.08 8.19
CA ASP C 118 17.27 -24.92 8.36
C ASP C 118 17.59 -26.10 9.29
N VAL C 119 16.59 -26.93 9.58
CA VAL C 119 16.70 -28.03 10.57
C VAL C 119 16.26 -29.33 9.90
N GLU C 120 17.08 -30.37 10.07
CA GLU C 120 16.85 -31.75 9.57
C GLU C 120 15.68 -32.33 10.34
N PRO C 121 14.96 -33.35 9.77
CA PRO C 121 13.84 -33.96 10.47
C PRO C 121 14.32 -34.41 11.85
N GLY C 122 13.48 -34.30 12.88
CA GLY C 122 13.83 -34.65 14.27
C GLY C 122 14.88 -33.73 14.89
N GLY C 123 15.47 -32.83 14.11
CA GLY C 123 16.62 -31.99 14.51
C GLY C 123 16.27 -30.88 15.47
N THR C 124 17.29 -30.21 16.02
CA THR C 124 17.16 -29.05 16.92
C THR C 124 18.15 -27.95 16.52
N ARG C 125 17.76 -26.71 16.80
CA ARG C 125 18.59 -25.51 16.52
C ARG C 125 18.12 -24.37 17.41
N THR C 126 19.07 -23.61 17.95
CA THR C 126 18.77 -22.40 18.74
C THR C 126 18.85 -21.23 17.75
N TYR C 127 17.71 -20.60 17.52
CA TYR C 127 17.64 -19.35 16.73
C TYR C 127 17.73 -18.19 17.71
N THR C 128 18.50 -17.18 17.32
CA THR C 128 18.67 -15.94 18.13
C THR C 128 18.10 -14.73 17.39
N TRP C 129 17.14 -14.07 18.03
CA TRP C 129 16.53 -12.79 17.61
C TRP C 129 16.97 -11.68 18.57
N ARG C 130 17.55 -10.63 18.01
CA ARG C 130 17.93 -9.44 18.80
C ARG C 130 17.03 -8.30 18.36
N THR C 131 16.94 -7.27 19.21
CA THR C 131 16.14 -6.05 18.98
C THR C 131 16.96 -4.87 19.47
N HIS C 132 16.65 -3.70 18.96
CA HIS C 132 17.35 -2.47 19.41
C HIS C 132 16.34 -1.33 19.49
N ALA C 133 16.51 -0.44 20.45
CA ALA C 133 15.78 0.85 20.51
C ALA C 133 16.31 1.78 19.44
N PRO C 134 15.52 2.83 19.10
CA PRO C 134 16.03 3.83 18.18
C PRO C 134 17.05 4.71 18.89
N GLY C 135 17.90 5.35 18.11
CA GLY C 135 18.88 6.29 18.66
C GLY C 135 19.66 7.01 17.59
N ARG C 136 20.49 7.93 18.03
CA ARG C 136 21.27 8.83 17.15
C ARG C 136 22.56 8.09 16.79
N ARG C 137 22.86 7.91 15.50
CA ARG C 137 24.21 7.42 15.06
C ARG C 137 25.20 8.59 15.17
N SER C 138 26.49 8.31 15.34
CA SER C 138 27.59 9.32 15.24
C SER C 138 27.47 10.16 13.96
N ASP C 139 27.02 9.59 12.82
CA ASP C 139 26.90 10.32 11.53
C ASP C 139 25.75 11.33 11.63
N GLY C 140 25.17 11.50 12.83
CA GLY C 140 24.05 12.42 13.13
C GLY C 140 22.68 11.91 12.70
N THR C 141 22.56 10.71 12.09
CA THR C 141 21.26 10.21 11.56
C THR C 141 20.50 9.46 12.66
N TRP C 142 19.23 9.19 12.44
CA TRP C 142 18.35 8.52 13.42
C TRP C 142 18.21 7.06 13.03
N ARG C 143 18.71 6.16 13.87
CA ARG C 143 18.58 4.70 13.64
C ARG C 143 17.17 4.28 14.04
N ALA C 144 16.40 3.76 13.09
CA ALA C 144 15.06 3.19 13.39
C ALA C 144 15.24 1.97 14.30
N GLY C 145 14.40 1.90 15.34
CA GLY C 145 14.33 0.76 16.25
C GLY C 145 13.65 -0.42 15.61
N SER C 146 13.64 -1.52 16.34
CA SER C 146 13.02 -2.79 15.90
C SER C 146 11.50 -2.76 16.02
N ALA C 147 10.90 -1.84 16.76
CA ALA C 147 9.48 -1.93 17.17
C ALA C 147 8.55 -2.01 15.95
N GLY C 148 7.52 -2.88 16.05
CA GLY C 148 6.55 -3.03 14.97
C GLY C 148 5.80 -4.33 15.10
N TYR C 149 4.90 -4.49 14.15
CA TYR C 149 4.16 -5.73 13.90
C TYR C 149 4.92 -6.55 12.88
N TRP C 150 5.39 -7.72 13.35
CA TRP C 150 6.28 -8.58 12.55
C TRP C 150 5.71 -10.00 12.56
N HIS C 151 6.42 -10.91 11.94
CA HIS C 151 6.00 -12.34 11.89
C HIS C 151 7.20 -13.23 11.66
N TYR C 152 6.98 -14.53 11.91
CA TYR C 152 7.96 -15.60 11.68
C TYR C 152 7.29 -16.69 10.85
N HIS C 153 8.06 -17.35 9.99
CA HIS C 153 7.52 -18.46 9.16
C HIS C 153 8.62 -19.38 8.68
N ASP C 154 8.18 -20.55 8.20
CA ASP C 154 9.09 -21.57 7.66
C ASP C 154 9.65 -21.04 6.33
N HIS C 155 10.92 -21.33 6.05
CA HIS C 155 11.59 -20.96 4.77
C HIS C 155 12.06 -22.18 3.95
N VAL C 156 11.74 -23.44 4.30
CA VAL C 156 12.30 -24.62 3.56
C VAL C 156 11.28 -25.76 3.33
N VAL C 157 10.11 -25.78 3.95
CA VAL C 157 9.09 -26.85 3.69
C VAL C 157 8.46 -26.61 2.31
N GLY C 158 8.56 -27.62 1.43
CA GLY C 158 8.02 -27.57 0.06
C GLY C 158 9.02 -27.01 -0.94
N THR C 159 9.54 -25.81 -0.68
CA THR C 159 10.52 -25.09 -1.54
C THR C 159 11.54 -24.37 -0.66
N GLU C 160 12.56 -23.78 -1.26
CA GLU C 160 13.60 -23.01 -0.54
C GLU C 160 13.05 -21.64 -0.11
N HIS C 161 11.73 -21.36 -0.31
CA HIS C 161 11.04 -20.13 0.18
C HIS C 161 9.89 -20.50 1.12
N GLY C 162 9.80 -21.77 1.51
CA GLY C 162 8.86 -22.21 2.55
C GLY C 162 7.42 -22.28 2.06
N THR C 163 7.22 -22.36 0.74
CA THR C 163 5.88 -22.26 0.09
C THR C 163 4.98 -23.33 0.70
N GLY C 164 5.53 -24.55 0.87
CA GLY C 164 4.79 -25.68 1.46
C GLY C 164 4.52 -25.43 2.92
N GLY C 165 5.52 -25.02 3.71
CA GLY C 165 5.35 -24.75 5.14
C GLY C 165 4.34 -23.67 5.41
N ILE C 166 4.50 -22.52 4.77
CA ILE C 166 3.56 -21.38 4.89
C ILE C 166 2.15 -21.88 4.57
N ARG C 167 1.97 -22.51 3.42
CA ARG C 167 0.65 -23.10 3.01
C ARG C 167 0.09 -23.96 4.16
N LYS C 168 0.90 -24.82 4.79
CA LYS C 168 0.36 -25.81 5.73
C LYS C 168 0.15 -25.18 7.12
N GLY C 169 0.69 -24.00 7.40
CA GLY C 169 0.38 -23.28 8.65
C GLY C 169 1.60 -22.84 9.47
N LEU C 170 2.82 -22.92 8.93
CA LEU C 170 4.02 -22.57 9.68
C LEU C 170 4.25 -21.05 9.57
N TYR C 171 3.47 -20.34 10.36
CA TYR C 171 3.55 -18.87 10.50
C TYR C 171 2.99 -18.47 11.85
N GLY C 172 3.48 -17.35 12.36
CA GLY C 172 2.95 -16.82 13.63
C GLY C 172 3.39 -15.36 13.75
N PRO C 173 2.78 -14.63 14.68
CA PRO C 173 3.07 -13.20 14.86
C PRO C 173 4.18 -12.90 15.89
N VAL C 174 4.89 -11.79 15.68
CA VAL C 174 5.91 -11.26 16.63
C VAL C 174 5.57 -9.79 16.84
N ILE C 175 5.44 -9.33 18.06
CA ILE C 175 5.25 -7.86 18.32
C ILE C 175 6.53 -7.40 19.04
N VAL C 176 7.14 -6.31 18.56
CA VAL C 176 8.26 -5.68 19.30
C VAL C 176 7.75 -4.32 19.78
N ARG C 177 7.73 -4.08 21.09
CA ARG C 177 7.20 -2.84 21.69
C ARG C 177 8.33 -1.87 21.99
N ARG C 178 8.05 -0.60 21.77
CA ARG C 178 8.91 0.52 22.22
C ARG C 178 8.51 0.87 23.65
N LYS C 179 9.47 1.32 24.46
CA LYS C 179 9.17 1.92 25.78
C LYS C 179 8.03 2.92 25.67
N GLY C 180 6.99 2.78 26.51
CA GLY C 180 5.86 3.73 26.52
C GLY C 180 4.73 3.28 25.60
N ASP C 181 4.92 2.26 24.76
CA ASP C 181 3.82 1.84 23.87
C ASP C 181 2.63 1.46 24.74
N VAL C 182 1.42 1.76 24.27
CA VAL C 182 0.16 1.40 24.96
C VAL C 182 -0.09 -0.10 24.76
N LEU C 183 -0.45 -0.79 25.83
CA LEU C 183 -0.60 -2.27 25.84
C LEU C 183 -2.08 -2.56 25.86
N PRO C 184 -2.50 -3.61 25.12
CA PRO C 184 -3.91 -3.97 25.03
C PRO C 184 -4.48 -4.92 26.10
N ASP C 185 -5.82 -5.02 26.18
CA ASP C 185 -6.56 -6.00 27.00
C ASP C 185 -6.44 -7.38 26.34
N ALA C 186 -6.29 -7.44 25.02
CA ALA C 186 -6.19 -8.71 24.27
C ALA C 186 -5.52 -8.43 22.93
N THR C 187 -4.89 -9.44 22.37
CA THR C 187 -4.28 -9.43 21.02
C THR C 187 -4.85 -10.58 20.20
N HIS C 188 -5.30 -10.29 18.98
CA HIS C 188 -5.83 -11.31 18.04
C HIS C 188 -5.07 -11.22 16.73
N THR C 189 -4.67 -12.36 16.19
CA THR C 189 -3.86 -12.47 14.96
C THR C 189 -4.74 -13.02 13.84
N ILE C 190 -4.77 -12.26 12.77
CA ILE C 190 -5.55 -12.59 11.54
C ILE C 190 -4.54 -12.77 10.42
N VAL C 191 -4.51 -13.95 9.83
CA VAL C 191 -3.59 -14.30 8.72
C VAL C 191 -4.42 -14.68 7.50
N PHE C 192 -4.28 -13.89 6.43
CA PHE C 192 -4.83 -14.14 5.08
C PHE C 192 -3.76 -14.97 4.39
N ASN C 193 -3.99 -16.29 4.35
CA ASN C 193 -3.03 -17.26 3.79
C ASN C 193 -3.67 -17.86 2.53
N ASP C 194 -3.14 -17.54 1.36
CA ASP C 194 -3.84 -17.77 0.07
C ASP C 194 -5.28 -17.27 0.27
N MET C 195 -6.28 -18.15 0.12
CA MET C 195 -7.70 -17.74 0.23
C MET C 195 -8.22 -18.05 1.63
N LEU C 196 -7.39 -18.60 2.52
CA LEU C 196 -7.82 -19.00 3.89
C LEU C 196 -7.60 -17.85 4.89
N ILE C 197 -8.35 -17.87 6.00
CA ILE C 197 -8.05 -17.05 7.22
C ILE C 197 -7.63 -18.01 8.35
N ASN C 198 -6.39 -17.87 8.82
CA ASN C 198 -5.84 -18.74 9.90
C ASN C 198 -5.99 -20.22 9.50
N ASN C 199 -5.90 -20.51 8.21
CA ASN C 199 -6.08 -21.89 7.68
C ASN C 199 -7.41 -22.49 8.16
N ARG C 200 -8.43 -21.69 8.48
CA ARG C 200 -9.72 -22.27 8.97
C ARG C 200 -10.43 -22.90 7.77
N PRO C 201 -11.29 -23.93 8.00
CA PRO C 201 -12.22 -24.45 6.99
C PRO C 201 -13.15 -23.39 6.37
N ALA C 202 -13.60 -23.67 5.14
CA ALA C 202 -14.45 -22.77 4.31
C ALA C 202 -15.78 -22.52 5.01
N PRO C 206 -12.33 -17.30 11.88
CA PRO C 206 -12.17 -17.18 13.34
C PRO C 206 -12.87 -15.95 13.90
N ASN C 207 -13.58 -16.11 15.00
CA ASN C 207 -14.30 -15.04 15.72
C ASN C 207 -13.46 -14.67 16.94
N PHE C 208 -13.50 -13.42 17.33
CA PHE C 208 -12.79 -12.92 18.53
C PHE C 208 -13.78 -12.14 19.36
N GLU C 209 -13.83 -12.39 20.66
CA GLU C 209 -14.82 -11.74 21.54
C GLU C 209 -14.13 -10.64 22.33
N ALA C 210 -14.79 -9.50 22.45
CA ALA C 210 -14.36 -8.40 23.34
C ALA C 210 -15.60 -7.87 24.06
N THR C 211 -15.36 -6.99 25.01
CA THR C 211 -16.43 -6.22 25.66
C THR C 211 -16.26 -4.80 25.18
N VAL C 212 -17.35 -4.06 25.06
CA VAL C 212 -17.31 -2.62 24.76
C VAL C 212 -16.24 -1.93 25.63
N GLY C 213 -15.42 -1.11 24.97
CA GLY C 213 -14.40 -0.25 25.61
C GLY C 213 -13.09 -0.96 25.81
N ASP C 214 -13.03 -2.27 25.61
CA ASP C 214 -11.76 -3.03 25.71
C ASP C 214 -10.79 -2.45 24.67
N ARG C 215 -9.51 -2.33 25.03
CA ARG C 215 -8.44 -1.99 24.07
C ARG C 215 -7.99 -3.29 23.42
N VAL C 216 -8.39 -3.47 22.16
CA VAL C 216 -8.13 -4.72 21.43
C VAL C 216 -7.11 -4.44 20.31
N GLU C 217 -6.11 -5.30 20.28
CA GLU C 217 -4.99 -5.29 19.32
C GLU C 217 -5.21 -6.38 18.28
N PHE C 218 -5.01 -6.02 17.01
CA PHE C 218 -5.03 -6.97 15.89
C PHE C 218 -3.66 -6.95 15.22
N VAL C 219 -3.12 -8.14 14.93
CA VAL C 219 -1.92 -8.32 14.08
C VAL C 219 -2.46 -8.94 12.82
N MET C 220 -2.10 -8.38 11.68
CA MET C 220 -2.71 -8.74 10.38
C MET C 220 -1.53 -9.08 9.45
N ILE C 221 -1.38 -10.37 9.13
CA ILE C 221 -0.28 -10.93 8.34
C ILE C 221 -0.90 -11.54 7.08
N THR C 222 -0.17 -11.50 6.00
CA THR C 222 -0.62 -12.06 4.73
C THR C 222 0.44 -12.99 4.19
N HIS C 223 0.01 -14.06 3.56
CA HIS C 223 0.95 -15.07 3.03
C HIS C 223 0.42 -15.63 1.74
N GLY C 224 1.34 -16.03 0.87
CA GLY C 224 1.02 -16.97 -0.22
C GLY C 224 1.11 -16.33 -1.57
N GLU C 225 0.05 -16.41 -2.35
CA GLU C 225 0.10 -16.13 -3.80
C GLU C 225 -0.61 -14.81 -4.12
N TYR C 226 -1.59 -14.39 -3.31
CA TYR C 226 -2.57 -13.36 -3.75
C TYR C 226 -2.44 -12.08 -2.94
N TYR C 227 -2.76 -10.95 -3.57
CA TYR C 227 -3.04 -9.72 -2.82
C TYR C 227 -4.42 -9.86 -2.21
N HIS C 228 -4.67 -9.07 -1.20
CA HIS C 228 -5.97 -9.00 -0.47
C HIS C 228 -6.22 -7.56 -0.03
N THR C 229 -7.43 -7.30 0.51
CA THR C 229 -7.77 -6.03 1.17
C THR C 229 -8.47 -6.41 2.46
N PHE C 230 -7.81 -6.12 3.57
CA PHE C 230 -8.37 -6.30 4.91
C PHE C 230 -9.36 -5.20 5.23
N HIS C 231 -10.58 -5.58 5.64
CA HIS C 231 -11.64 -4.63 6.03
C HIS C 231 -12.28 -5.05 7.35
N MET C 232 -12.42 -4.12 8.25
CA MET C 232 -13.15 -4.31 9.52
C MET C 232 -14.31 -3.31 9.60
N HIS C 233 -15.54 -3.82 9.71
CA HIS C 233 -16.75 -3.04 10.00
C HIS C 233 -16.67 -2.42 11.40
N GLY C 234 -17.13 -1.16 11.50
CA GLY C 234 -17.45 -0.42 12.72
C GLY C 234 -16.23 0.17 13.37
N HIS C 235 -15.05 0.05 12.75
CA HIS C 235 -13.76 0.36 13.41
C HIS C 235 -12.79 0.91 12.35
N ARG C 236 -11.83 1.68 12.81
CA ARG C 236 -10.81 2.26 11.91
C ARG C 236 -9.51 2.44 12.67
N TRP C 237 -8.39 2.54 11.94
CA TRP C 237 -7.05 2.68 12.55
C TRP C 237 -6.18 3.59 11.67
N ALA C 238 -4.99 3.91 12.16
CA ALA C 238 -4.01 4.81 11.49
C ALA C 238 -3.07 3.94 10.68
N ASP C 239 -2.72 4.40 9.47
CA ASP C 239 -1.71 3.72 8.66
C ASP C 239 -0.32 4.21 9.10
N ASN C 240 0.17 3.65 10.22
CA ASN C 240 1.50 4.03 10.78
C ASN C 240 2.07 2.87 11.57
N ARG C 241 3.12 3.10 12.35
CA ARG C 241 3.82 1.98 13.06
C ARG C 241 2.86 1.25 13.99
N THR C 242 2.22 1.99 14.87
CA THR C 242 1.40 1.43 15.96
C THR C 242 -0.04 1.22 15.51
N GLY C 243 -0.44 1.69 14.32
CA GLY C 243 -1.87 1.74 13.95
C GLY C 243 -2.69 2.70 14.77
N MET C 244 -2.03 3.60 15.53
CA MET C 244 -2.72 4.59 16.39
C MET C 244 -2.09 5.95 16.09
N LEU C 245 -2.91 6.96 15.84
CA LEU C 245 -2.37 8.32 15.70
C LEU C 245 -1.59 8.76 16.94
N THR C 246 -0.39 9.30 16.77
CA THR C 246 0.39 9.80 17.93
C THR C 246 -0.33 11.00 18.56
N GLY C 247 -1.07 11.79 17.77
CA GLY C 247 -1.59 13.07 18.23
C GLY C 247 -2.18 13.84 17.07
N PRO C 248 -2.66 15.09 17.29
CA PRO C 248 -3.19 15.90 16.18
C PRO C 248 -2.14 16.27 15.11
N ASP C 249 -0.86 16.09 15.43
CA ASP C 249 0.28 16.36 14.51
C ASP C 249 0.66 15.10 13.71
N ASP C 250 -0.12 14.04 13.78
CA ASP C 250 0.14 12.84 12.99
C ASP C 250 -0.77 12.92 11.78
N PRO C 251 -0.22 13.08 10.57
CA PRO C 251 -1.02 13.22 9.34
C PRO C 251 -1.33 11.85 8.71
N SER C 252 -0.96 10.76 9.37
CA SER C 252 -1.23 9.41 8.82
C SER C 252 -2.68 9.22 8.36
N GLN C 253 -2.89 8.54 7.22
CA GLN C 253 -4.28 8.21 6.79
C GLN C 253 -4.95 7.34 7.85
N VAL C 254 -6.21 7.68 8.08
CA VAL C 254 -7.12 6.86 8.92
C VAL C 254 -7.97 6.02 7.96
N VAL C 255 -7.91 4.72 8.16
CA VAL C 255 -8.43 3.74 7.18
C VAL C 255 -9.27 2.67 7.89
N ASP C 256 -10.13 1.98 7.12
CA ASP C 256 -10.78 0.72 7.56
C ASP C 256 -10.59 -0.42 6.55
N ASN C 257 -9.64 -0.27 5.62
CA ASN C 257 -9.50 -1.12 4.42
C ASN C 257 -8.08 -0.89 3.92
N LYS C 258 -7.31 -1.97 3.81
CA LYS C 258 -5.86 -1.91 3.50
C LYS C 258 -5.50 -3.03 2.53
N ILE C 259 -4.85 -2.64 1.44
CA ILE C 259 -4.22 -3.60 0.49
C ILE C 259 -3.00 -4.25 1.19
N VAL C 260 -2.91 -5.57 1.10
CA VAL C 260 -1.82 -6.40 1.73
C VAL C 260 -1.39 -7.44 0.71
N GLY C 261 -0.08 -7.65 0.60
CA GLY C 261 0.48 -8.75 -0.23
C GLY C 261 1.19 -9.78 0.66
N PRO C 262 1.65 -10.89 0.07
CA PRO C 262 2.40 -11.91 0.84
C PRO C 262 3.62 -11.38 1.62
N ALA C 263 3.58 -11.68 2.92
CA ALA C 263 4.57 -11.38 3.98
C ALA C 263 4.40 -9.97 4.52
N ASP C 264 3.33 -9.28 4.15
CA ASP C 264 3.03 -7.98 4.78
C ASP C 264 2.53 -8.24 6.20
N SER C 265 2.92 -7.37 7.09
CA SER C 265 2.41 -7.38 8.47
C SER C 265 2.15 -5.94 8.89
N PHE C 266 1.05 -5.76 9.60
CA PHE C 266 0.73 -4.47 10.25
C PHE C 266 -0.12 -4.83 11.45
N GLY C 267 -0.37 -3.86 12.27
CA GLY C 267 -1.27 -4.05 13.40
C GLY C 267 -1.81 -2.77 13.87
N PHE C 268 -2.79 -2.86 14.76
CA PHE C 268 -3.42 -1.65 15.29
C PHE C 268 -4.14 -2.06 16.56
N GLN C 269 -4.57 -1.07 17.31
CA GLN C 269 -5.45 -1.17 18.49
C GLN C 269 -6.69 -0.32 18.26
N VAL C 270 -7.83 -0.84 18.70
CA VAL C 270 -9.10 -0.08 18.68
C VAL C 270 -9.69 -0.20 20.09
N ILE C 271 -10.55 0.74 20.39
CA ILE C 271 -11.47 0.71 21.55
C ILE C 271 -12.72 0.01 21.03
N ALA C 272 -12.90 -1.23 21.46
CA ALA C 272 -14.00 -2.09 20.97
C ALA C 272 -15.32 -1.36 21.07
N GLY C 273 -16.04 -1.29 19.96
CA GLY C 273 -17.34 -0.62 19.88
C GLY C 273 -17.29 0.90 20.02
N GLU C 274 -16.14 1.56 19.92
CA GLU C 274 -16.10 3.02 20.21
C GLU C 274 -16.99 3.75 19.20
N GLY C 275 -17.95 4.52 19.71
CA GLY C 275 -18.88 5.36 18.94
C GLY C 275 -19.84 4.54 18.09
N VAL C 276 -19.81 3.22 18.18
CA VAL C 276 -20.65 2.36 17.29
C VAL C 276 -21.47 1.35 18.08
N GLY C 277 -21.02 0.93 19.28
CA GLY C 277 -21.77 0.07 20.20
C GLY C 277 -21.43 -1.41 20.07
N ALA C 278 -22.06 -2.21 20.90
CA ALA C 278 -21.92 -3.68 20.90
C ALA C 278 -22.43 -4.21 19.54
N GLY C 279 -21.93 -5.35 19.11
CA GLY C 279 -22.46 -5.98 17.89
C GLY C 279 -21.47 -6.93 17.29
N ALA C 280 -21.97 -7.74 16.37
CA ALA C 280 -21.15 -8.63 15.53
C ALA C 280 -20.56 -7.78 14.39
N TRP C 281 -19.28 -7.46 14.51
CA TRP C 281 -18.54 -6.60 13.59
C TRP C 281 -17.69 -7.46 12.68
N MET C 282 -18.09 -7.61 11.42
CA MET C 282 -17.42 -8.57 10.54
C MET C 282 -16.07 -7.98 10.12
N TYR C 283 -15.09 -8.82 9.94
CA TYR C 283 -13.84 -8.47 9.20
C TYR C 283 -13.77 -9.44 8.04
N HIS C 284 -13.24 -9.02 6.92
CA HIS C 284 -13.23 -9.86 5.70
C HIS C 284 -12.25 -9.24 4.72
N CYS C 285 -11.86 -10.05 3.74
CA CYS C 285 -11.22 -9.54 2.50
C CYS C 285 -12.30 -8.83 1.71
N HIS C 286 -11.98 -7.68 1.14
CA HIS C 286 -12.95 -6.95 0.29
C HIS C 286 -12.81 -7.35 -1.19
N VAL C 287 -11.81 -8.14 -1.57
CA VAL C 287 -11.72 -8.64 -2.98
C VAL C 287 -12.97 -9.50 -3.19
N GLN C 288 -13.80 -9.15 -4.15
CA GLN C 288 -15.21 -9.63 -4.12
C GLN C 288 -15.25 -11.15 -4.25
N SER C 289 -14.46 -11.76 -5.12
CA SER C 289 -14.46 -13.25 -5.24
C SER C 289 -13.91 -13.88 -3.96
N HIS C 290 -13.00 -13.22 -3.25
CA HIS C 290 -12.43 -13.75 -1.97
C HIS C 290 -13.49 -13.79 -0.86
N SER C 291 -14.21 -12.69 -0.62
CA SER C 291 -15.27 -12.53 0.41
C SER C 291 -16.43 -13.48 0.10
N ASP C 292 -16.68 -13.78 -1.17
CA ASP C 292 -17.83 -14.64 -1.59
C ASP C 292 -17.54 -16.11 -1.35
N MET C 293 -16.32 -16.47 -0.91
CA MET C 293 -15.91 -17.88 -0.71
C MET C 293 -16.43 -18.39 0.64
N GLY C 294 -16.82 -17.49 1.54
CA GLY C 294 -17.49 -17.85 2.80
C GLY C 294 -16.65 -17.51 4.02
N TYR C 295 -15.35 -17.25 3.84
CA TYR C 295 -14.38 -16.97 4.94
C TYR C 295 -14.58 -15.51 5.40
N VAL C 296 -15.34 -15.37 6.50
CA VAL C 296 -15.72 -14.07 7.12
C VAL C 296 -15.69 -14.26 8.64
N GLY C 297 -14.79 -13.58 9.33
CA GLY C 297 -14.74 -13.62 10.81
C GLY C 297 -15.60 -12.55 11.42
N LEU C 298 -15.90 -12.73 12.70
CA LEU C 298 -16.65 -11.79 13.52
C LEU C 298 -15.80 -11.32 14.72
N PHE C 299 -15.71 -10.01 14.83
CA PHE C 299 -15.27 -9.30 16.05
C PHE C 299 -16.55 -9.12 16.88
N LEU C 300 -16.77 -10.01 17.82
CA LEU C 300 -18.03 -10.07 18.63
C LEU C 300 -17.84 -9.15 19.84
N VAL C 301 -18.31 -7.92 19.73
CA VAL C 301 -18.19 -6.91 20.81
C VAL C 301 -19.47 -6.97 21.67
N LYS C 302 -19.30 -7.44 22.89
CA LYS C 302 -20.43 -7.65 23.83
C LYS C 302 -20.61 -6.43 24.71
N LYS C 303 -21.84 -6.21 25.14
CA LYS C 303 -22.13 -5.22 26.21
C LYS C 303 -21.48 -5.71 27.50
N THR C 304 -21.41 -4.86 28.51
CA THR C 304 -20.83 -5.21 29.83
C THR C 304 -21.72 -6.22 30.57
N ASP C 305 -22.96 -6.43 30.13
CA ASP C 305 -23.86 -7.48 30.69
C ASP C 305 -23.75 -8.77 29.89
N GLY C 306 -22.79 -8.88 28.96
CA GLY C 306 -22.46 -10.11 28.24
C GLY C 306 -23.36 -10.35 27.03
N THR C 307 -24.26 -9.42 26.73
CA THR C 307 -25.24 -9.58 25.63
C THR C 307 -24.68 -8.95 24.36
N ILE C 308 -25.29 -9.27 23.21
CA ILE C 308 -24.87 -8.71 21.90
C ILE C 308 -26.12 -8.55 21.05
N PRO C 309 -26.28 -7.45 20.26
CA PRO C 309 -27.43 -7.37 19.36
C PRO C 309 -27.47 -8.61 18.47
N GLY C 310 -28.67 -9.12 18.27
CA GLY C 310 -28.93 -10.37 17.53
C GLY C 310 -28.37 -10.27 16.11
N TYR C 311 -27.67 -11.31 15.67
CA TYR C 311 -27.08 -11.45 14.32
C TYR C 311 -27.30 -12.86 13.81
N GLU C 312 -27.11 -12.99 12.51
CA GLU C 312 -27.47 -14.23 11.78
C GLU C 312 -26.28 -14.64 10.93
N PRO C 313 -25.33 -15.42 11.48
CA PRO C 313 -24.11 -15.78 10.75
C PRO C 313 -24.30 -16.89 9.70
N GLU D 1 -15.38 3.27 28.07
CA GLU D 1 -15.02 4.56 27.38
C GLU D 1 -15.40 4.51 25.88
N HIS D 2 -16.26 3.59 25.45
CA HIS D 2 -16.75 3.44 24.04
C HIS D 2 -17.85 4.49 23.71
N SER D 3 -18.52 5.07 24.71
CA SER D 3 -19.75 5.91 24.53
C SER D 3 -19.44 7.37 24.87
#